data_8A3N
#
_entry.id   8A3N
#
_cell.length_a   55.383
_cell.length_b   100.969
_cell.length_c   66.681
_cell.angle_alpha   90.000
_cell.angle_beta   106.780
_cell.angle_gamma   90.000
#
_symmetry.space_group_name_H-M   'P 1 21 1'
#
loop_
_entity.id
_entity.type
_entity.pdbx_description
1 polymer 'Geissoschizine synthase'
2 non-polymer 'NADP NICOTINAMIDE-ADENINE-DINUCLEOTIDE PHOSPHATE'
3 non-polymer 'ZINC ION'
4 water water
#
_entity_poly.entity_id   1
_entity_poly.type   'polypeptide(L)'
_entity_poly.pdbx_seq_one_letter_code
;GPAGETTKLDLSVKAVGWGAADASGVLQPIKFYRRVPGERDVKIRVLYSGVCNFDMEMVRNKWGFTRYPYVFGHETAGEV
VEVGSKVEKFKVGDKVAVGCMVGSCGQCYNCQSGMENYCPEPNMADGSVYREQGERSYGGCSNVMVVDEKFVLRWPENLP
QDKGVALLCAGVVVYSPMKHLGLDKPGKHIGVFGLGGLGSVAVKFIKAFGGKATVISTSRRKEKEAIEEHGADAFVVNTD
SEQLKALAGTMDGVVDTTPGGRTPMSLMLNLLKFDGAVMLVGAPESLFELPAAPLIMGRKKIIGSSTGGLKEYQEMLDFA
AKHNIVCDTEVIGIDYLSTAMERIKNLDVKYRFAIDIGNTLKFEE
;
_entity_poly.pdbx_strand_id   A,B
#
loop_
_chem_comp.id
_chem_comp.type
_chem_comp.name
_chem_comp.formula
NAP non-polymer 'NADP NICOTINAMIDE-ADENINE-DINUCLEOTIDE PHOSPHATE' 'C21 H28 N7 O17 P3'
ZN non-polymer 'ZINC ION' 'Zn 2'
#
# COMPACT_ATOMS: atom_id res chain seq x y z
N ASP A 10 18.96 -7.98 40.71
CA ASP A 10 18.56 -7.48 42.05
C ASP A 10 17.73 -6.21 41.89
N LEU A 11 16.72 -6.03 42.75
CA LEU A 11 16.01 -4.78 42.89
C LEU A 11 16.88 -3.79 43.68
N SER A 12 16.82 -2.50 43.32
CA SER A 12 17.51 -1.46 44.05
C SER A 12 16.65 -0.21 44.11
N VAL A 13 16.59 0.51 42.98
CA VAL A 13 16.17 1.88 42.94
C VAL A 13 14.72 1.96 43.40
N LYS A 14 14.46 2.74 44.47
CA LYS A 14 13.12 3.01 44.96
C LYS A 14 12.47 4.05 44.06
N ALA A 15 11.25 3.76 43.59
CA ALA A 15 10.65 4.53 42.52
C ALA A 15 9.20 4.83 42.86
N VAL A 16 8.72 5.93 42.29
CA VAL A 16 7.31 6.24 42.31
C VAL A 16 6.91 6.66 40.91
N GLY A 17 5.73 6.20 40.50
CA GLY A 17 5.18 6.57 39.21
C GLY A 17 3.70 6.88 39.33
N TRP A 18 3.12 7.44 38.27
CA TRP A 18 1.69 7.74 38.28
C TRP A 18 0.99 6.85 37.26
N GLY A 19 -0.20 6.39 37.65
CA GLY A 19 -1.01 5.56 36.80
C GLY A 19 -2.27 5.14 37.54
N ALA A 20 -2.74 3.93 37.20
CA ALA A 20 -3.99 3.44 37.75
C ALA A 20 -3.77 2.01 38.25
N ALA A 21 -4.50 1.68 39.31
CA ALA A 21 -4.45 0.37 39.92
C ALA A 21 -5.41 -0.59 39.24
N ASP A 22 -6.48 -0.07 38.60
CA ASP A 22 -7.45 -0.93 37.94
C ASP A 22 -8.15 -0.19 36.80
N ALA A 23 -9.15 -0.85 36.19
CA ALA A 23 -9.82 -0.38 34.99
C ALA A 23 -10.64 0.89 35.24
N SER A 24 -10.98 1.18 36.51
CA SER A 24 -11.61 2.45 36.88
C SER A 24 -10.81 3.64 36.31
N GLY A 25 -9.48 3.49 36.26
CA GLY A 25 -8.60 4.48 35.67
C GLY A 25 -8.36 5.69 36.56
N VAL A 26 -8.65 5.54 37.87
CA VAL A 26 -8.41 6.62 38.81
C VAL A 26 -6.90 6.76 38.98
N LEU A 27 -6.39 7.96 38.72
CA LEU A 27 -4.95 8.19 38.76
C LEU A 27 -4.49 8.24 40.21
N GLN A 28 -3.36 7.59 40.47
CA GLN A 28 -2.77 7.55 41.80
C GLN A 28 -1.26 7.39 41.66
N PRO A 29 -0.49 7.67 42.74
CA PRO A 29 0.91 7.26 42.80
C PRO A 29 1.01 5.74 43.00
N ILE A 30 2.03 5.16 42.36
CA ILE A 30 2.32 3.74 42.45
C ILE A 30 3.78 3.60 42.83
N LYS A 31 4.05 2.90 43.94
CA LYS A 31 5.41 2.73 44.44
C LYS A 31 5.95 1.38 43.96
N PHE A 32 7.24 1.36 43.58
CA PHE A 32 7.85 0.16 43.04
C PHE A 32 9.37 0.30 43.13
N TYR A 33 10.10 -0.73 42.69
CA TYR A 33 11.54 -0.69 42.60
C TYR A 33 11.97 -0.97 41.17
N ARG A 34 13.05 -0.33 40.74
CA ARG A 34 13.73 -0.64 39.50
C ARG A 34 14.87 -1.60 39.82
N ARG A 35 15.31 -2.35 38.82
CA ARG A 35 16.45 -3.23 38.98
C ARG A 35 17.71 -2.39 39.16
N VAL A 36 18.73 -3.00 39.75
CA VAL A 36 20.08 -2.42 39.76
C VAL A 36 20.55 -2.42 38.31
N PRO A 37 21.22 -1.35 37.83
CA PRO A 37 21.78 -1.36 36.48
C PRO A 37 22.72 -2.55 36.27
N GLY A 38 22.42 -3.37 35.27
CA GLY A 38 23.36 -4.35 34.77
C GLY A 38 24.47 -3.68 33.95
N GLU A 39 25.31 -4.50 33.34
CA GLU A 39 26.51 -4.03 32.66
C GLU A 39 26.14 -3.17 31.44
N ARG A 40 24.97 -3.40 30.85
CA ARG A 40 24.56 -2.70 29.65
C ARG A 40 23.44 -1.70 29.94
N ASP A 41 23.19 -1.41 31.23
CA ASP A 41 22.03 -0.61 31.60
C ASP A 41 22.43 0.85 31.82
N VAL A 42 21.44 1.72 31.67
CA VAL A 42 21.57 3.15 31.90
C VAL A 42 20.51 3.51 32.93
N LYS A 43 20.93 4.14 34.04
CA LYS A 43 19.99 4.64 35.01
C LYS A 43 19.72 6.11 34.74
N ILE A 44 18.43 6.46 34.65
CA ILE A 44 18.00 7.76 34.15
C ILE A 44 17.16 8.46 35.21
N ARG A 45 17.58 9.67 35.58
CA ARG A 45 16.72 10.56 36.34
C ARG A 45 15.74 11.21 35.38
N VAL A 46 14.44 10.94 35.56
CA VAL A 46 13.45 11.45 34.64
C VAL A 46 13.20 12.92 34.96
N LEU A 47 13.27 13.76 33.92
CA LEU A 47 13.05 15.19 34.05
C LEU A 47 11.67 15.56 33.51
N TYR A 48 11.29 15.03 32.34
CA TYR A 48 9.97 15.28 31.76
C TYR A 48 9.38 14.00 31.20
N SER A 49 8.05 13.86 31.36
CA SER A 49 7.30 12.78 30.76
C SER A 49 6.13 13.37 29.98
N GLY A 50 6.06 13.06 28.68
CA GLY A 50 4.90 13.41 27.88
C GLY A 50 3.69 12.55 28.28
N VAL A 51 2.50 13.10 28.07
CA VAL A 51 1.28 12.31 28.22
C VAL A 51 0.40 12.61 26.99
N CYS A 52 -0.31 11.60 26.50
CA CYS A 52 -1.09 11.75 25.28
C CYS A 52 -2.32 10.86 25.32
N ASN A 53 -3.10 10.93 24.23
CA ASN A 53 -4.34 10.18 24.05
C ASN A 53 -4.14 8.70 24.37
N PHE A 54 -3.03 8.12 23.90
CA PHE A 54 -2.76 6.71 24.11
C PHE A 54 -2.75 6.38 25.60
N ASP A 55 -2.04 7.20 26.39
CA ASP A 55 -1.92 6.98 27.83
C ASP A 55 -3.27 7.13 28.50
N MET A 56 -4.04 8.13 28.06
CA MET A 56 -5.31 8.44 28.69
C MET A 56 -6.26 7.25 28.50
N GLU A 57 -6.17 6.57 27.35
CA GLU A 57 -7.05 5.46 27.05
C GLU A 57 -6.52 4.19 27.71
N MET A 58 -5.19 4.02 27.74
CA MET A 58 -4.58 2.85 28.34
C MET A 58 -4.92 2.77 29.83
N VAL A 59 -4.99 3.90 30.55
CA VAL A 59 -5.24 3.84 31.98
C VAL A 59 -6.62 3.25 32.25
N ARG A 60 -7.56 3.43 31.30
CA ARG A 60 -8.90 2.88 31.39
C ARG A 60 -9.03 1.53 30.68
N ASN A 61 -7.91 1.01 30.12
CA ASN A 61 -7.89 -0.25 29.40
C ASN A 61 -8.91 -0.25 28.27
N LYS A 62 -8.87 0.80 27.43
CA LYS A 62 -9.83 0.95 26.35
C LYS A 62 -9.70 -0.19 25.34
N TRP A 63 -8.47 -0.67 25.11
CA TRP A 63 -8.18 -1.60 24.03
C TRP A 63 -7.80 -2.99 24.55
N GLY A 64 -7.78 -3.18 25.88
CA GLY A 64 -7.51 -4.49 26.46
C GLY A 64 -6.01 -4.83 26.49
N PHE A 65 -5.13 -3.85 26.26
CA PHE A 65 -3.69 -4.09 26.30
C PHE A 65 -3.12 -3.80 27.70
N THR A 66 -3.95 -3.28 28.61
CA THR A 66 -3.43 -2.74 29.86
C THR A 66 -3.38 -3.83 30.94
N ARG A 67 -2.20 -3.96 31.54
CA ARG A 67 -2.01 -4.82 32.70
C ARG A 67 -1.78 -3.91 33.91
N TYR A 68 -2.50 -4.21 34.99
CA TYR A 68 -2.48 -3.39 36.20
C TYR A 68 -1.61 -4.06 37.26
N PRO A 69 -0.97 -3.32 38.19
CA PRO A 69 -0.95 -1.84 38.15
C PRO A 69 -0.24 -1.28 36.93
N TYR A 70 -0.70 -0.10 36.48
CA TYR A 70 -0.22 0.46 35.23
C TYR A 70 0.39 1.84 35.45
N VAL A 71 1.68 1.95 35.14
CA VAL A 71 2.38 3.21 35.14
C VAL A 71 2.71 3.54 33.69
N PHE A 72 2.05 4.57 33.15
CA PHE A 72 2.20 4.91 31.75
C PHE A 72 3.51 5.65 31.58
N GLY A 73 3.92 5.78 30.31
CA GLY A 73 4.97 6.70 29.92
C GLY A 73 5.85 6.12 28.82
N HIS A 74 5.59 6.57 27.58
CA HIS A 74 6.38 6.19 26.41
C HIS A 74 7.07 7.40 25.82
N GLU A 75 7.07 8.52 26.55
CA GLU A 75 7.64 9.77 26.09
C GLU A 75 8.51 10.33 27.21
N THR A 76 9.72 9.79 27.39
CA THR A 76 10.51 10.09 28.57
C THR A 76 11.82 10.78 28.21
N ALA A 77 12.07 11.93 28.85
CA ALA A 77 13.33 12.64 28.71
C ALA A 77 13.94 12.83 30.10
N GLY A 78 15.25 12.62 30.21
CA GLY A 78 15.92 12.82 31.48
C GLY A 78 17.43 12.95 31.31
N GLU A 79 18.16 12.60 32.38
CA GLU A 79 19.61 12.67 32.37
C GLU A 79 20.18 11.40 33.01
N VAL A 80 21.34 10.97 32.51
CA VAL A 80 22.00 9.77 32.97
C VAL A 80 22.66 10.07 34.31
N VAL A 81 22.32 9.29 35.33
CA VAL A 81 22.96 9.40 36.64
C VAL A 81 23.95 8.24 36.88
N GLU A 82 23.75 7.09 36.22
CA GLU A 82 24.65 5.96 36.36
C GLU A 82 24.62 5.12 35.08
N VAL A 83 25.74 4.48 34.74
CA VAL A 83 25.79 3.55 33.63
C VAL A 83 26.50 2.27 34.08
N GLY A 84 26.11 1.15 33.45
CA GLY A 84 26.82 -0.11 33.62
C GLY A 84 28.21 -0.04 33.01
N SER A 85 29.07 -0.99 33.43
CA SER A 85 30.49 -1.00 33.10
C SER A 85 30.76 -1.14 31.60
N LYS A 86 29.79 -1.60 30.81
CA LYS A 86 30.02 -1.81 29.39
C LYS A 86 29.37 -0.74 28.53
N VAL A 87 28.65 0.20 29.14
CA VAL A 87 28.04 1.30 28.41
C VAL A 87 29.13 2.33 28.12
N GLU A 88 29.32 2.67 26.84
CA GLU A 88 30.30 3.68 26.47
C GLU A 88 29.63 4.87 25.77
N LYS A 89 28.49 4.60 25.11
CA LYS A 89 27.78 5.59 24.31
C LYS A 89 27.18 6.69 25.19
N PHE A 90 26.86 6.35 26.43
CA PHE A 90 26.32 7.31 27.38
C PHE A 90 27.27 7.48 28.55
N LYS A 91 27.45 8.75 28.93
CA LYS A 91 28.24 9.13 30.10
C LYS A 91 27.31 9.79 31.11
N VAL A 92 27.70 9.75 32.38
CA VAL A 92 26.96 10.43 33.43
C VAL A 92 26.82 11.90 33.05
N GLY A 93 25.61 12.45 33.23
CA GLY A 93 25.31 13.83 32.87
C GLY A 93 24.65 13.99 31.50
N ASP A 94 24.75 12.97 30.63
CA ASP A 94 24.17 13.08 29.29
C ASP A 94 22.65 13.21 29.39
N LYS A 95 22.07 14.09 28.57
CA LYS A 95 20.63 14.15 28.41
C LYS A 95 20.21 13.05 27.43
N VAL A 96 19.13 12.34 27.76
CA VAL A 96 18.73 11.14 27.05
C VAL A 96 17.20 11.09 26.98
N ALA A 97 16.69 10.11 26.24
CA ALA A 97 15.26 9.87 26.18
C ALA A 97 15.01 8.38 26.00
N VAL A 98 13.81 7.97 26.39
CA VAL A 98 13.32 6.63 26.13
C VAL A 98 11.94 6.78 25.49
N GLY A 99 11.74 5.98 24.44
CA GLY A 99 10.47 5.95 23.73
C GLY A 99 9.57 4.84 24.28
N CYS A 100 8.92 4.12 23.35
CA CYS A 100 7.86 3.19 23.73
C CYS A 100 8.43 1.84 24.13
N MET A 101 9.67 1.53 23.71
CA MET A 101 10.23 0.21 23.94
C MET A 101 11.49 0.26 24.79
N VAL A 102 11.70 -0.81 25.58
CA VAL A 102 12.89 -0.95 26.40
C VAL A 102 13.60 -2.26 26.08
N GLY A 103 13.07 -3.04 25.14
CA GLY A 103 13.68 -4.32 24.79
C GLY A 103 12.98 -4.96 23.61
N SER A 104 13.66 -5.93 23.01
CA SER A 104 13.10 -6.75 21.95
C SER A 104 13.87 -8.06 21.92
N CYS A 105 13.46 -9.00 21.07
CA CYS A 105 14.07 -10.33 21.07
C CYS A 105 15.53 -10.22 20.60
N GLY A 106 15.81 -9.32 19.67
CA GLY A 106 17.17 -9.02 19.25
C GLY A 106 17.74 -10.02 18.23
N GLN A 107 16.95 -11.02 17.80
CA GLN A 107 17.46 -12.06 16.92
C GLN A 107 16.56 -12.28 15.69
N CYS A 108 15.37 -11.66 15.64
CA CYS A 108 14.49 -11.80 14.49
C CYS A 108 14.93 -10.86 13.38
N TYR A 109 14.42 -11.09 12.16
CA TYR A 109 14.80 -10.28 11.01
C TYR A 109 14.52 -8.79 11.28
N ASN A 110 13.39 -8.50 11.94
CA ASN A 110 13.01 -7.12 12.20
C ASN A 110 14.03 -6.46 13.12
N CYS A 111 14.38 -7.15 14.22
CA CYS A 111 15.37 -6.65 15.16
C CYS A 111 16.73 -6.44 14.48
N GLN A 112 17.14 -7.40 13.67
CA GLN A 112 18.43 -7.35 12.97
C GLN A 112 18.48 -6.17 12.00
N SER A 113 17.34 -5.87 11.36
CA SER A 113 17.28 -4.82 10.35
C SER A 113 16.90 -3.47 10.98
N GLY A 114 16.95 -3.38 12.32
CA GLY A 114 16.75 -2.12 13.04
C GLY A 114 15.29 -1.68 13.09
N MET A 115 14.35 -2.63 12.98
CA MET A 115 12.93 -2.35 13.08
C MET A 115 12.35 -3.08 14.30
N GLU A 116 12.88 -2.73 15.47
CA GLU A 116 12.57 -3.43 16.71
C GLU A 116 11.11 -3.24 17.08
N ASN A 117 10.51 -2.14 16.62
CA ASN A 117 9.11 -1.86 16.87
C ASN A 117 8.22 -2.90 16.21
N TYR A 118 8.75 -3.68 15.25
CA TYR A 118 7.98 -4.74 14.63
C TYR A 118 8.53 -6.11 15.02
N CYS A 119 9.23 -6.18 16.15
CA CYS A 119 9.57 -7.45 16.75
C CYS A 119 8.28 -8.14 17.21
N PRO A 120 8.12 -9.47 17.02
CA PRO A 120 6.98 -10.20 17.57
C PRO A 120 6.88 -10.12 19.11
N GLU A 121 8.02 -9.91 19.79
CA GLU A 121 8.08 -9.94 21.24
C GLU A 121 8.66 -8.62 21.77
N PRO A 122 7.98 -7.47 21.58
CA PRO A 122 8.49 -6.19 22.08
C PRO A 122 8.35 -6.13 23.60
N ASN A 123 9.32 -5.48 24.26
CA ASN A 123 9.19 -5.13 25.67
C ASN A 123 8.89 -3.64 25.75
N MET A 124 7.64 -3.35 26.13
CA MET A 124 7.14 -1.99 26.13
C MET A 124 7.51 -1.33 27.46
N ALA A 125 7.87 -0.04 27.41
CA ALA A 125 8.22 0.73 28.59
C ALA A 125 7.11 0.66 29.63
N ASP A 126 5.86 0.81 29.18
CA ASP A 126 4.74 0.91 30.09
C ASP A 126 4.17 -0.48 30.41
N GLY A 127 4.79 -1.52 29.84
CA GLY A 127 4.47 -2.89 30.17
C GLY A 127 3.20 -3.39 29.49
N SER A 128 2.73 -2.66 28.47
CA SER A 128 1.50 -3.02 27.79
C SER A 128 1.74 -4.32 26.99
N VAL A 129 0.75 -5.21 27.03
CA VAL A 129 0.87 -6.50 26.38
C VAL A 129 0.74 -6.28 24.87
N TYR A 130 1.89 -6.19 24.19
CA TYR A 130 1.95 -6.09 22.74
C TYR A 130 2.73 -7.29 22.18
N GLN A 133 2.58 -11.20 24.81
CA GLN A 133 3.54 -11.26 25.96
C GLN A 133 4.24 -9.91 26.09
N GLY A 134 5.48 -9.92 26.62
CA GLY A 134 6.19 -8.72 27.02
C GLY A 134 6.45 -8.71 28.52
N GLU A 135 7.61 -8.19 28.93
CA GLU A 135 8.01 -8.16 30.34
C GLU A 135 7.20 -7.11 31.10
N ARG A 136 6.93 -7.39 32.38
CA ARG A 136 6.31 -6.43 33.28
C ARG A 136 7.24 -5.23 33.45
N SER A 137 6.71 -4.03 33.24
CA SER A 137 7.49 -2.81 33.38
C SER A 137 6.60 -1.68 33.89
N TYR A 138 7.25 -0.63 34.42
CA TYR A 138 6.58 0.61 34.76
C TYR A 138 7.11 1.68 33.81
N GLY A 139 6.20 2.49 33.26
CA GLY A 139 6.56 3.46 32.25
C GLY A 139 7.33 4.65 32.82
N GLY A 140 7.51 5.65 31.95
CA GLY A 140 8.39 6.79 32.20
C GLY A 140 7.77 7.90 33.04
N CYS A 141 6.48 7.81 33.36
CA CYS A 141 5.87 8.76 34.27
C CYS A 141 6.26 8.41 35.70
N SER A 142 7.56 8.50 35.97
CA SER A 142 8.17 8.03 37.19
C SER A 142 9.47 8.80 37.41
N ASN A 143 10.04 8.67 38.60
CA ASN A 143 11.17 9.49 39.00
C ASN A 143 12.46 8.95 38.40
N VAL A 144 12.52 7.64 38.13
CA VAL A 144 13.76 7.02 37.67
C VAL A 144 13.42 5.84 36.75
N MET A 145 14.28 5.62 35.76
CA MET A 145 14.17 4.50 34.82
C MET A 145 15.52 3.82 34.70
N VAL A 146 15.49 2.50 34.45
CA VAL A 146 16.69 1.73 34.17
C VAL A 146 16.43 0.97 32.88
N VAL A 147 17.27 1.22 31.86
CA VAL A 147 16.98 0.82 30.50
C VAL A 147 18.28 0.35 29.85
N ASP A 148 18.20 -0.72 29.06
CA ASP A 148 19.35 -1.20 28.29
C ASP A 148 19.78 -0.12 27.30
N GLU A 149 21.09 0.12 27.20
CA GLU A 149 21.62 1.25 26.45
C GLU A 149 21.10 1.25 25.01
N LYS A 150 20.82 0.05 24.47
CA LYS A 150 20.38 -0.07 23.10
C LYS A 150 19.10 0.73 22.87
N PHE A 151 18.23 0.83 23.90
CA PHE A 151 16.93 1.45 23.78
C PHE A 151 16.91 2.89 24.32
N VAL A 152 18.10 3.45 24.60
CA VAL A 152 18.23 4.82 25.06
C VAL A 152 18.65 5.71 23.90
N LEU A 153 18.01 6.89 23.82
CA LEU A 153 18.26 7.86 22.78
C LEU A 153 19.10 9.01 23.33
N ARG A 154 19.99 9.52 22.49
CA ARG A 154 20.74 10.73 22.77
C ARG A 154 19.82 11.93 22.52
N TRP A 155 19.71 12.82 23.51
CA TRP A 155 18.89 14.01 23.39
C TRP A 155 19.73 15.14 22.78
N PRO A 156 19.33 15.75 21.63
CA PRO A 156 20.11 16.83 21.02
C PRO A 156 20.14 18.07 21.91
N GLU A 157 21.30 18.75 21.97
CA GLU A 157 21.52 19.75 22.99
C GLU A 157 20.64 20.98 22.75
N ASN A 158 20.27 21.25 21.49
CA ASN A 158 19.61 22.49 21.15
C ASN A 158 18.08 22.34 21.18
N LEU A 159 17.56 21.15 21.49
CA LEU A 159 16.14 20.98 21.73
C LEU A 159 15.86 21.05 23.23
N PRO A 160 14.85 21.84 23.68
CA PRO A 160 14.44 21.77 25.08
C PRO A 160 13.69 20.46 25.34
N GLN A 161 13.90 19.86 26.52
CA GLN A 161 13.30 18.58 26.84
C GLN A 161 11.81 18.77 27.14
N ASP A 162 11.42 19.94 27.67
CA ASP A 162 10.04 20.14 28.09
C ASP A 162 9.11 20.22 26.88
N LYS A 163 9.50 20.96 25.84
CA LYS A 163 8.68 21.12 24.64
C LYS A 163 8.98 20.03 23.61
N GLY A 164 10.15 19.39 23.74
CA GLY A 164 10.59 18.41 22.76
C GLY A 164 10.12 17.00 23.07
N VAL A 165 9.76 16.72 24.33
CA VAL A 165 9.56 15.33 24.74
C VAL A 165 8.43 14.68 23.94
N ALA A 166 7.43 15.46 23.53
CA ALA A 166 6.32 14.95 22.74
C ALA A 166 6.75 14.48 21.35
N LEU A 167 7.89 14.95 20.83
CA LEU A 167 8.42 14.45 19.57
C LEU A 167 8.63 12.95 19.59
N LEU A 168 8.86 12.38 20.78
CA LEU A 168 9.10 10.96 20.93
C LEU A 168 7.88 10.15 20.52
N CYS A 169 6.73 10.81 20.45
CA CYS A 169 5.48 10.18 20.08
C CYS A 169 4.95 10.83 18.80
N ALA A 170 4.66 12.13 18.86
CA ALA A 170 4.15 12.89 17.73
C ALA A 170 5.12 12.82 16.55
N GLY A 171 6.42 12.95 16.83
CA GLY A 171 7.42 13.04 15.79
C GLY A 171 7.67 11.72 15.08
N VAL A 172 7.98 10.68 15.86
CA VAL A 172 8.46 9.43 15.26
C VAL A 172 7.33 8.80 14.45
N VAL A 173 6.08 8.89 14.95
CA VAL A 173 4.96 8.19 14.34
C VAL A 173 4.75 8.67 12.90
N VAL A 174 4.97 9.97 12.65
CA VAL A 174 4.73 10.53 11.33
C VAL A 174 6.00 10.49 10.47
N TYR A 175 7.17 10.64 11.10
CA TYR A 175 8.44 10.66 10.39
C TYR A 175 8.73 9.31 9.74
N SER A 176 8.46 8.22 10.48
CA SER A 176 8.83 6.87 10.08
C SER A 176 8.15 6.46 8.77
N PRO A 177 6.81 6.54 8.62
CA PRO A 177 6.15 6.18 7.37
C PRO A 177 6.53 7.04 6.18
N MET A 178 6.75 8.34 6.41
CA MET A 178 7.08 9.24 5.31
C MET A 178 8.46 8.88 4.75
N LYS A 179 9.39 8.49 5.63
CA LYS A 179 10.70 8.02 5.22
C LYS A 179 10.59 6.68 4.48
N HIS A 180 9.78 5.76 5.02
CA HIS A 180 9.63 4.44 4.42
C HIS A 180 9.10 4.57 2.99
N LEU A 181 8.18 5.51 2.76
CA LEU A 181 7.55 5.67 1.46
C LEU A 181 8.35 6.59 0.54
N GLY A 182 9.45 7.16 1.03
CA GLY A 182 10.24 8.09 0.22
C GLY A 182 9.53 9.42 -0.03
N LEU A 183 8.64 9.81 0.89
CA LEU A 183 7.86 11.03 0.79
C LEU A 183 8.60 12.22 1.41
N ASP A 184 9.74 11.94 2.05
CA ASP A 184 10.52 12.96 2.74
C ASP A 184 11.48 13.64 1.75
N LYS A 185 10.95 14.01 0.58
CA LYS A 185 11.75 14.62 -0.47
C LYS A 185 11.13 15.97 -0.83
N PRO A 186 11.95 16.96 -1.29
CA PRO A 186 11.41 18.26 -1.69
C PRO A 186 10.41 18.08 -2.83
N GLY A 187 9.36 18.90 -2.84
CA GLY A 187 8.42 18.93 -3.94
C GLY A 187 7.14 18.15 -3.66
N LYS A 188 7.15 17.26 -2.66
CA LYS A 188 6.01 16.39 -2.40
C LYS A 188 4.89 17.18 -1.73
N HIS A 189 3.66 16.91 -2.15
CA HIS A 189 2.47 17.51 -1.55
C HIS A 189 1.79 16.48 -0.67
N ILE A 190 1.73 16.76 0.64
CA ILE A 190 1.18 15.81 1.61
C ILE A 190 -0.01 16.44 2.32
N GLY A 191 -1.12 15.72 2.35
CA GLY A 191 -2.29 16.11 3.13
C GLY A 191 -2.25 15.49 4.52
N VAL A 192 -2.69 16.25 5.54
CA VAL A 192 -2.67 15.81 6.91
C VAL A 192 -4.07 16.00 7.50
N PHE A 193 -4.69 14.88 7.91
CA PHE A 193 -6.00 14.92 8.54
C PHE A 193 -5.84 14.94 10.05
N GLY A 194 -6.36 16.00 10.66
CA GLY A 194 -6.38 16.16 12.10
C GLY A 194 -5.16 16.95 12.56
N LEU A 195 -5.39 18.16 13.07
CA LEU A 195 -4.30 18.99 13.54
C LEU A 195 -4.24 18.94 15.07
N GLY A 196 -3.70 17.84 15.59
CA GLY A 196 -3.28 17.75 16.98
C GLY A 196 -1.77 17.62 17.05
N GLY A 197 -1.29 16.87 18.05
CA GLY A 197 0.13 16.63 18.22
C GLY A 197 0.78 16.04 16.96
N LEU A 198 0.27 14.89 16.50
CA LEU A 198 0.84 14.23 15.33
C LEU A 198 0.70 15.13 14.10
N GLY A 199 -0.52 15.64 13.89
CA GLY A 199 -0.82 16.47 12.74
C GLY A 199 0.11 17.67 12.63
N SER A 200 0.25 18.42 13.72
CA SER A 200 1.01 19.66 13.71
C SER A 200 2.49 19.39 13.43
N VAL A 201 3.02 18.33 14.04
CA VAL A 201 4.42 17.98 13.88
C VAL A 201 4.67 17.48 12.45
N ALA A 202 3.70 16.76 11.90
CA ALA A 202 3.78 16.28 10.53
C ALA A 202 3.94 17.46 9.57
N VAL A 203 3.10 18.48 9.74
CA VAL A 203 3.17 19.69 8.94
C VAL A 203 4.59 20.26 9.01
N LYS A 204 5.13 20.35 10.22
CA LYS A 204 6.44 20.97 10.42
C LYS A 204 7.55 20.14 9.78
N PHE A 205 7.45 18.81 9.87
CA PHE A 205 8.40 17.95 9.19
C PHE A 205 8.29 18.10 7.67
N ILE A 206 7.06 18.12 7.14
CA ILE A 206 6.85 18.21 5.71
C ILE A 206 7.50 19.47 5.17
N LYS A 207 7.27 20.62 5.84
CA LYS A 207 7.85 21.87 5.42
C LYS A 207 9.38 21.80 5.44
N ALA A 208 9.94 21.22 6.51
CA ALA A 208 11.39 21.13 6.66
C ALA A 208 12.01 20.20 5.62
N PHE A 209 11.25 19.19 5.17
CA PHE A 209 11.69 18.31 4.09
C PHE A 209 11.67 19.02 2.74
N GLY A 210 11.01 20.18 2.67
CA GLY A 210 10.88 20.95 1.44
C GLY A 210 9.60 20.60 0.68
N GLY A 211 8.62 20.04 1.38
CA GLY A 211 7.36 19.67 0.76
C GLY A 211 6.27 20.70 1.03
N LYS A 212 5.06 20.34 0.60
CA LYS A 212 3.88 21.18 0.70
C LYS A 212 2.86 20.45 1.57
N ALA A 213 2.24 21.17 2.52
CA ALA A 213 1.33 20.55 3.47
C ALA A 213 -0.05 21.20 3.41
N THR A 214 -1.08 20.37 3.24
CA THR A 214 -2.46 20.78 3.35
C THR A 214 -3.08 20.11 4.57
N VAL A 215 -3.78 20.90 5.39
CA VAL A 215 -4.40 20.42 6.60
C VAL A 215 -5.90 20.32 6.37
N ILE A 216 -6.49 19.16 6.70
CA ILE A 216 -7.92 19.00 6.77
C ILE A 216 -8.31 18.76 8.23
N SER A 217 -9.11 19.66 8.79
CA SER A 217 -9.43 19.69 10.21
C SER A 217 -10.95 19.78 10.40
N THR A 218 -11.44 19.35 11.58
CA THR A 218 -12.83 19.51 11.95
C THR A 218 -13.05 20.87 12.62
N SER A 219 -11.96 21.53 13.05
CA SER A 219 -12.00 22.78 13.81
C SER A 219 -11.62 23.97 12.92
N ARG A 220 -12.61 24.80 12.57
CA ARG A 220 -12.39 26.00 11.76
C ARG A 220 -11.47 26.99 12.48
N ARG A 221 -11.51 27.00 13.82
CA ARG A 221 -10.73 27.94 14.61
C ARG A 221 -9.22 27.67 14.52
N LYS A 222 -8.82 26.48 14.05
CA LYS A 222 -7.41 26.12 13.97
C LYS A 222 -6.76 26.65 12.68
N GLU A 223 -7.52 27.33 11.83
CA GLU A 223 -7.01 27.81 10.55
C GLU A 223 -5.75 28.65 10.76
N LYS A 224 -5.85 29.62 11.68
CA LYS A 224 -4.80 30.61 11.88
C LYS A 224 -3.50 29.91 12.30
N GLU A 225 -3.57 29.06 13.35
CA GLU A 225 -2.39 28.40 13.86
C GLU A 225 -1.80 27.44 12.82
N ALA A 226 -2.65 26.85 11.98
CA ALA A 226 -2.18 25.95 10.93
C ALA A 226 -1.28 26.69 9.95
N ILE A 227 -1.74 27.87 9.51
CA ILE A 227 -1.05 28.67 8.52
C ILE A 227 0.11 29.42 9.19
N GLU A 228 -0.18 30.14 10.28
CA GLU A 228 0.76 31.13 10.80
C GLU A 228 1.82 30.49 11.70
N GLU A 229 1.46 29.41 12.41
CA GLU A 229 2.40 28.81 13.37
C GLU A 229 3.10 27.62 12.72
N HIS A 230 2.36 26.74 12.05
CA HIS A 230 2.93 25.48 11.60
C HIS A 230 3.48 25.60 10.19
N GLY A 231 2.99 26.58 9.41
CA GLY A 231 3.52 26.85 8.08
C GLY A 231 2.84 26.04 6.99
N ALA A 232 1.63 25.55 7.27
CA ALA A 232 0.83 24.84 6.28
C ALA A 232 0.57 25.76 5.09
N ASP A 233 0.48 25.14 3.91
CA ASP A 233 0.25 25.88 2.67
C ASP A 233 -1.25 26.06 2.43
N ALA A 234 -2.07 25.24 3.11
CA ALA A 234 -3.51 25.32 2.93
C ALA A 234 -4.21 24.69 4.13
N PHE A 235 -5.44 25.14 4.38
CA PHE A 235 -6.26 24.63 5.47
C PHE A 235 -7.69 24.48 4.96
N VAL A 236 -8.28 23.30 5.19
CA VAL A 236 -9.63 22.99 4.73
C VAL A 236 -10.40 22.35 5.87
N VAL A 237 -11.65 22.77 6.08
CA VAL A 237 -12.53 22.11 7.02
C VAL A 237 -13.08 20.86 6.36
N ASN A 238 -13.18 19.77 7.15
CA ASN A 238 -13.49 18.44 6.65
C ASN A 238 -14.88 18.38 6.03
N THR A 239 -15.78 19.29 6.42
CA THR A 239 -17.13 19.31 5.89
C THR A 239 -17.24 20.24 4.67
N ASP A 240 -16.11 20.76 4.17
CA ASP A 240 -16.11 21.63 3.00
C ASP A 240 -15.95 20.80 1.73
N SER A 241 -17.05 20.17 1.30
CA SER A 241 -17.02 19.18 0.24
C SER A 241 -16.48 19.77 -1.08
N GLU A 242 -16.92 20.99 -1.44
CA GLU A 242 -16.54 21.60 -2.71
C GLU A 242 -15.03 21.86 -2.77
N GLN A 243 -14.43 22.28 -1.66
CA GLN A 243 -13.00 22.55 -1.63
C GLN A 243 -12.23 21.23 -1.77
N LEU A 244 -12.72 20.18 -1.09
CA LEU A 244 -12.09 18.87 -1.10
C LEU A 244 -12.14 18.26 -2.49
N LYS A 245 -13.29 18.39 -3.16
CA LYS A 245 -13.45 17.99 -4.55
C LYS A 245 -12.38 18.63 -5.43
N ALA A 246 -12.12 19.92 -5.19
CA ALA A 246 -11.17 20.67 -6.01
C ALA A 246 -9.73 20.21 -5.78
N LEU A 247 -9.46 19.53 -4.65
CA LEU A 247 -8.13 19.03 -4.35
C LEU A 247 -7.94 17.59 -4.84
N ALA A 248 -8.92 17.06 -5.58
CA ALA A 248 -8.81 15.70 -6.11
C ALA A 248 -7.55 15.55 -6.95
N GLY A 249 -6.76 14.51 -6.66
CA GLY A 249 -5.64 14.10 -7.50
C GLY A 249 -4.42 15.00 -7.35
N THR A 250 -4.23 15.63 -6.18
CA THR A 250 -3.17 16.62 -6.02
C THR A 250 -2.07 16.17 -5.05
N MET A 251 -2.26 15.07 -4.29
CA MET A 251 -1.39 14.78 -3.17
C MET A 251 -0.57 13.50 -3.40
N ASP A 252 0.73 13.59 -3.09
CA ASP A 252 1.63 12.44 -3.13
C ASP A 252 1.36 11.50 -1.95
N GLY A 253 0.88 12.06 -0.84
CA GLY A 253 0.59 11.28 0.35
C GLY A 253 -0.49 11.94 1.19
N VAL A 254 -1.18 11.10 1.98
CA VAL A 254 -2.11 11.57 2.98
C VAL A 254 -1.76 10.90 4.30
N VAL A 255 -1.58 11.71 5.34
CA VAL A 255 -1.35 11.24 6.69
C VAL A 255 -2.66 11.39 7.46
N ASP A 256 -3.25 10.25 7.87
CA ASP A 256 -4.46 10.25 8.65
C ASP A 256 -4.15 10.07 10.13
N THR A 257 -4.25 11.15 10.92
CA THR A 257 -4.03 11.08 12.36
C THR A 257 -5.36 10.96 13.11
N THR A 258 -6.49 10.98 12.39
CA THR A 258 -7.80 10.84 13.02
C THR A 258 -8.02 9.40 13.45
N PRO A 259 -8.95 9.11 14.40
CA PRO A 259 -9.26 7.74 14.76
C PRO A 259 -9.69 6.97 13.52
N GLY A 260 -9.18 5.74 13.38
CA GLY A 260 -9.45 4.92 12.22
C GLY A 260 -10.94 4.76 11.99
N GLY A 261 -11.38 5.17 10.79
CA GLY A 261 -12.77 5.04 10.38
C GLY A 261 -13.51 6.38 10.49
N ARG A 262 -12.86 7.40 11.07
CA ARG A 262 -13.50 8.69 11.23
C ARG A 262 -13.38 9.52 9.96
N THR A 263 -12.33 9.27 9.17
CA THR A 263 -12.19 9.91 7.87
C THR A 263 -12.53 8.89 6.78
N PRO A 264 -13.46 9.20 5.83
CA PRO A 264 -13.77 8.29 4.73
C PRO A 264 -12.55 7.94 3.89
N MET A 265 -12.35 6.64 3.63
CA MET A 265 -11.20 6.18 2.84
C MET A 265 -11.35 6.66 1.39
N SER A 266 -12.60 6.77 0.92
CA SER A 266 -12.88 7.22 -0.44
C SER A 266 -12.37 8.65 -0.65
N LEU A 267 -12.53 9.50 0.36
CA LEU A 267 -12.04 10.87 0.31
C LEU A 267 -10.52 10.87 0.19
N MET A 268 -9.85 10.11 1.05
CA MET A 268 -8.40 10.12 1.14
C MET A 268 -7.79 9.59 -0.15
N LEU A 269 -8.41 8.56 -0.74
CA LEU A 269 -7.92 8.00 -2.00
C LEU A 269 -8.09 8.98 -3.14
N ASN A 270 -9.24 9.69 -3.15
CA ASN A 270 -9.57 10.65 -4.20
C ASN A 270 -8.56 11.82 -4.21
N LEU A 271 -8.00 12.18 -3.04
CA LEU A 271 -7.07 13.29 -2.95
C LEU A 271 -5.71 12.94 -3.54
N LEU A 272 -5.41 11.64 -3.67
CA LEU A 272 -4.08 11.18 -4.05
C LEU A 272 -3.86 11.31 -5.56
N LYS A 273 -2.61 11.62 -5.92
CA LYS A 273 -2.10 11.47 -7.27
C LYS A 273 -1.87 9.99 -7.55
N PHE A 274 -1.57 9.70 -8.82
CA PHE A 274 -0.99 8.44 -9.23
C PHE A 274 0.20 8.09 -8.33
N ASP A 275 0.24 6.83 -7.89
CA ASP A 275 1.28 6.29 -7.03
C ASP A 275 1.28 6.94 -5.65
N GLY A 276 0.21 7.64 -5.28
CA GLY A 276 0.10 8.19 -3.94
C GLY A 276 -0.14 7.11 -2.88
N ALA A 277 0.11 7.49 -1.62
CA ALA A 277 -0.02 6.57 -0.50
C ALA A 277 -0.86 7.22 0.60
N VAL A 278 -1.81 6.45 1.13
CA VAL A 278 -2.47 6.79 2.39
C VAL A 278 -1.70 6.14 3.53
N MET A 279 -1.34 6.96 4.54
CA MET A 279 -0.64 6.50 5.72
C MET A 279 -1.56 6.59 6.92
N LEU A 280 -2.03 5.42 7.40
CA LEU A 280 -2.89 5.37 8.57
C LEU A 280 -2.01 5.27 9.81
N VAL A 281 -2.15 6.23 10.74
CA VAL A 281 -1.44 6.15 12.00
C VAL A 281 -2.40 6.29 13.19
N GLY A 282 -3.66 6.66 12.96
CA GLY A 282 -4.60 6.89 14.05
C GLY A 282 -5.04 5.60 14.72
N ALA A 283 -5.51 5.70 15.97
CA ALA A 283 -6.02 4.55 16.71
C ALA A 283 -7.23 3.97 15.98
N PRO A 284 -7.20 2.67 15.61
CA PRO A 284 -8.35 2.05 14.95
C PRO A 284 -9.58 2.12 15.85
N GLU A 285 -10.71 2.57 15.28
CA GLU A 285 -11.95 2.65 16.02
C GLU A 285 -13.02 1.83 15.29
N SER A 286 -13.15 2.07 13.98
CA SER A 286 -14.09 1.31 13.18
C SER A 286 -13.51 1.02 11.81
N LEU A 287 -14.11 0.03 11.14
CA LEU A 287 -13.68 -0.42 9.83
C LEU A 287 -13.81 0.72 8.82
N PHE A 288 -12.81 0.84 7.94
CA PHE A 288 -12.92 1.68 6.76
C PHE A 288 -13.71 0.96 5.69
N GLU A 289 -14.44 1.72 4.88
CA GLU A 289 -15.01 1.23 3.64
C GLU A 289 -14.03 1.52 2.52
N LEU A 290 -13.50 0.46 1.89
CA LEU A 290 -12.43 0.59 0.91
C LEU A 290 -12.96 0.27 -0.48
N PRO A 291 -13.04 1.27 -1.38
CA PRO A 291 -13.32 1.02 -2.79
C PRO A 291 -12.02 0.67 -3.52
N ALA A 292 -12.04 -0.41 -4.30
CA ALA A 292 -10.83 -0.91 -4.93
C ALA A 292 -10.50 -0.10 -6.20
N ALA A 293 -11.51 0.49 -6.85
CA ALA A 293 -11.34 1.07 -8.18
C ALA A 293 -10.26 2.15 -8.17
N PRO A 294 -10.26 3.11 -7.21
CA PRO A 294 -9.17 4.09 -7.12
C PRO A 294 -7.77 3.50 -6.92
N LEU A 295 -7.66 2.44 -6.11
CA LEU A 295 -6.37 1.78 -5.89
C LEU A 295 -5.83 1.25 -7.21
N ILE A 296 -6.70 0.57 -7.95
CA ILE A 296 -6.32 -0.12 -9.18
C ILE A 296 -5.99 0.88 -10.28
N MET A 297 -6.87 1.87 -10.48
CA MET A 297 -6.74 2.83 -11.57
C MET A 297 -5.50 3.72 -11.34
N GLY A 298 -5.15 3.99 -10.07
CA GLY A 298 -4.12 4.97 -9.74
C GLY A 298 -2.84 4.34 -9.19
N ARG A 299 -2.80 3.00 -9.14
CA ARG A 299 -1.75 2.28 -8.43
C ARG A 299 -1.47 2.97 -7.09
N LYS A 300 -2.54 3.25 -6.35
CA LYS A 300 -2.43 3.89 -5.06
C LYS A 300 -2.25 2.80 -4.00
N LYS A 301 -1.74 3.21 -2.83
CA LYS A 301 -1.46 2.27 -1.75
C LYS A 301 -1.97 2.84 -0.43
N ILE A 302 -2.36 1.90 0.44
CA ILE A 302 -2.71 2.20 1.81
C ILE A 302 -1.74 1.43 2.69
N ILE A 303 -1.15 2.14 3.65
CA ILE A 303 -0.21 1.52 4.57
C ILE A 303 -0.54 1.99 5.98
N GLY A 304 -0.29 1.11 6.96
CA GLY A 304 -0.29 1.49 8.36
C GLY A 304 1.13 1.59 8.91
N SER A 305 1.28 2.23 10.07
CA SER A 305 2.58 2.38 10.69
C SER A 305 2.43 2.58 12.19
N SER A 306 3.33 1.97 12.97
CA SER A 306 3.37 2.19 14.40
C SER A 306 4.78 2.57 14.84
N THR A 307 4.84 3.65 15.65
CA THR A 307 6.05 4.28 16.12
C THR A 307 7.16 4.20 15.08
N GLY A 308 8.33 3.72 15.49
CA GLY A 308 9.49 3.66 14.62
C GLY A 308 10.59 2.78 15.23
N GLY A 309 11.59 2.45 14.40
CA GLY A 309 12.77 1.76 14.87
C GLY A 309 13.64 2.69 15.71
N LEU A 310 14.62 2.13 16.41
CA LEU A 310 15.47 2.90 17.30
C LEU A 310 16.25 3.95 16.50
N LYS A 311 16.76 3.55 15.33
CA LYS A 311 17.52 4.46 14.49
C LYS A 311 16.63 5.61 14.01
N GLU A 312 15.35 5.32 13.72
CA GLU A 312 14.42 6.32 13.23
C GLU A 312 14.08 7.32 14.34
N TYR A 313 13.96 6.83 15.59
CA TYR A 313 13.76 7.72 16.72
C TYR A 313 14.90 8.72 16.78
N GLN A 314 16.13 8.23 16.63
CA GLN A 314 17.30 9.08 16.78
C GLN A 314 17.40 10.06 15.62
N GLU A 315 17.20 9.57 14.39
CA GLU A 315 17.24 10.41 13.21
C GLU A 315 16.18 11.50 13.31
N MET A 316 14.99 11.13 13.79
CA MET A 316 13.89 12.06 13.92
C MET A 316 14.28 13.20 14.87
N LEU A 317 14.83 12.85 16.05
CA LEU A 317 15.26 13.85 17.03
C LEU A 317 16.34 14.77 16.45
N ASP A 318 17.32 14.18 15.76
CA ASP A 318 18.44 14.92 15.20
C ASP A 318 17.94 15.89 14.12
N PHE A 319 16.95 15.44 13.33
CA PHE A 319 16.32 16.25 12.31
C PHE A 319 15.55 17.41 12.95
N ALA A 320 14.72 17.10 13.94
CA ALA A 320 13.95 18.12 14.64
C ALA A 320 14.88 19.19 15.22
N ALA A 321 16.01 18.75 15.77
CA ALA A 321 16.98 19.66 16.36
C ALA A 321 17.53 20.59 15.29
N LYS A 322 17.87 20.03 14.13
CA LYS A 322 18.45 20.80 13.04
C LYS A 322 17.52 21.93 12.59
N HIS A 323 16.21 21.67 12.59
CA HIS A 323 15.24 22.62 12.06
C HIS A 323 14.45 23.31 13.16
N ASN A 324 14.87 23.12 14.43
CA ASN A 324 14.22 23.73 15.57
C ASN A 324 12.73 23.41 15.61
N ILE A 325 12.40 22.13 15.44
CA ILE A 325 11.02 21.69 15.51
C ILE A 325 10.73 21.11 16.89
N VAL A 326 9.63 21.58 17.49
CA VAL A 326 9.12 21.08 18.74
C VAL A 326 7.61 20.90 18.59
N CYS A 327 7.00 20.23 19.57
CA CYS A 327 5.55 20.14 19.64
C CYS A 327 5.05 21.23 20.59
N ASP A 328 3.93 21.87 20.19
CA ASP A 328 3.21 22.78 21.06
C ASP A 328 2.79 22.00 22.30
N THR A 329 3.27 22.47 23.46
CA THR A 329 3.24 21.70 24.69
C THR A 329 2.82 22.63 25.84
N GLU A 330 1.97 22.11 26.73
CA GLU A 330 1.66 22.75 27.99
C GLU A 330 2.34 21.95 29.11
N VAL A 331 3.27 22.58 29.82
CA VAL A 331 4.03 21.92 30.85
C VAL A 331 3.24 22.01 32.16
N ILE A 332 3.07 20.87 32.83
CA ILE A 332 2.23 20.82 34.01
C ILE A 332 2.98 20.09 35.13
N GLY A 333 2.55 20.36 36.35
CA GLY A 333 2.96 19.59 37.52
C GLY A 333 2.13 18.33 37.64
N ILE A 334 2.66 17.37 38.42
CA ILE A 334 2.07 16.05 38.53
C ILE A 334 0.67 16.14 39.16
N ASP A 335 0.44 17.13 40.03
CA ASP A 335 -0.82 17.26 40.74
C ASP A 335 -1.96 17.66 39.80
N TYR A 336 -1.64 18.12 38.58
CA TYR A 336 -2.65 18.50 37.61
C TYR A 336 -3.03 17.33 36.70
N LEU A 337 -2.42 16.16 36.92
CA LEU A 337 -2.51 15.08 35.94
C LEU A 337 -3.96 14.65 35.72
N SER A 338 -4.75 14.58 36.79
CA SER A 338 -6.13 14.17 36.68
C SER A 338 -6.91 15.10 35.74
N THR A 339 -6.71 16.41 35.90
CA THR A 339 -7.38 17.40 35.06
C THR A 339 -6.85 17.31 33.64
N ALA A 340 -5.55 17.08 33.48
CA ALA A 340 -4.94 16.97 32.17
C ALA A 340 -5.58 15.84 31.37
N MET A 341 -5.83 14.69 32.01
CA MET A 341 -6.45 13.56 31.33
C MET A 341 -7.81 13.97 30.76
N GLU A 342 -8.57 14.75 31.53
CA GLU A 342 -9.89 15.21 31.13
C GLU A 342 -9.77 16.13 29.92
N ARG A 343 -8.77 17.02 29.94
CA ARG A 343 -8.56 17.95 28.85
C ARG A 343 -8.09 17.19 27.61
N ILE A 344 -7.29 16.13 27.78
CA ILE A 344 -6.85 15.32 26.65
C ILE A 344 -8.06 14.73 25.96
N LYS A 345 -9.00 14.19 26.74
CA LYS A 345 -10.19 13.55 26.21
C LYS A 345 -11.06 14.57 25.49
N ASN A 346 -11.14 15.79 26.03
CA ASN A 346 -12.00 16.84 25.49
C ASN A 346 -11.30 17.64 24.39
N LEU A 347 -10.09 17.23 23.99
CA LEU A 347 -9.33 17.91 22.95
C LEU A 347 -9.13 19.39 23.31
N ASP A 348 -8.80 19.64 24.58
CA ASP A 348 -8.73 21.00 25.11
C ASP A 348 -7.29 21.29 25.57
N VAL A 349 -6.32 20.94 24.73
CA VAL A 349 -4.93 21.28 24.98
C VAL A 349 -4.27 21.48 23.62
N LYS A 350 -3.30 22.40 23.55
CA LYS A 350 -2.62 22.72 22.30
C LYS A 350 -1.14 22.39 22.39
N TYR A 351 -0.72 21.18 21.99
CA TYR A 351 -1.57 20.05 21.66
C TYR A 351 -1.30 18.88 22.62
N ARG A 352 -0.25 19.01 23.43
CA ARG A 352 0.22 17.95 24.31
C ARG A 352 0.57 18.55 25.67
N PHE A 353 0.41 17.73 26.70
CA PHE A 353 0.93 18.02 28.03
C PHE A 353 2.29 17.34 28.21
N ALA A 354 3.22 18.06 28.84
CA ALA A 354 4.44 17.47 29.36
C ALA A 354 4.47 17.65 30.87
N ILE A 355 4.77 16.58 31.60
CA ILE A 355 4.83 16.66 33.05
C ILE A 355 6.26 16.96 33.48
N ASP A 356 6.41 18.00 34.31
CA ASP A 356 7.69 18.30 34.95
C ASP A 356 7.90 17.33 36.12
N ILE A 357 8.42 16.14 35.82
CA ILE A 357 8.68 15.10 36.80
C ILE A 357 9.81 15.53 37.74
N GLY A 358 10.90 16.04 37.15
CA GLY A 358 12.11 16.37 37.89
C GLY A 358 11.84 17.30 39.07
N ASN A 359 10.86 18.21 38.95
CA ASN A 359 10.63 19.21 39.98
C ASN A 359 9.37 18.94 40.81
N THR A 360 8.46 18.05 40.39
CA THR A 360 7.18 17.95 41.09
C THR A 360 6.85 16.55 41.62
N LEU A 361 7.51 15.51 41.11
CA LEU A 361 7.25 14.15 41.59
C LEU A 361 8.31 13.76 42.63
N LYS A 362 7.87 13.51 43.86
CA LYS A 362 8.76 13.30 44.99
C LYS A 362 8.88 11.80 45.32
N LEU B 9 -5.12 4.12 -57.20
CA LEU B 9 -4.85 3.03 -56.22
C LEU B 9 -5.48 3.37 -54.88
N ASP B 10 -6.48 2.57 -54.46
CA ASP B 10 -7.14 2.76 -53.18
C ASP B 10 -6.21 2.22 -52.09
N LEU B 11 -5.85 3.10 -51.15
CA LEU B 11 -4.89 2.79 -50.10
C LEU B 11 -5.60 2.32 -48.85
N SER B 12 -6.90 2.64 -48.70
CA SER B 12 -7.64 2.43 -47.47
C SER B 12 -7.52 1.00 -46.96
N VAL B 13 -7.55 0.85 -45.63
CA VAL B 13 -7.47 -0.45 -45.00
C VAL B 13 -8.87 -0.83 -44.50
N LYS B 14 -9.47 -1.78 -45.20
CA LYS B 14 -10.81 -2.27 -44.88
C LYS B 14 -10.70 -3.31 -43.77
N ALA B 15 -11.53 -3.16 -42.74
CA ALA B 15 -11.47 -4.06 -41.60
C ALA B 15 -12.86 -4.57 -41.22
N VAL B 16 -12.86 -5.73 -40.58
CA VAL B 16 -14.06 -6.23 -39.92
C VAL B 16 -13.67 -6.69 -38.53
N GLY B 17 -14.54 -6.40 -37.56
CA GLY B 17 -14.33 -6.80 -36.19
C GLY B 17 -15.63 -7.27 -35.57
N TRP B 18 -15.54 -7.85 -34.37
CA TRP B 18 -16.73 -8.28 -33.66
C TRP B 18 -16.89 -7.44 -32.39
N GLY B 19 -18.15 -7.11 -32.10
CA GLY B 19 -18.47 -6.42 -30.87
C GLY B 19 -19.97 -6.12 -30.82
N ALA B 20 -20.33 -4.96 -30.31
CA ALA B 20 -21.72 -4.56 -30.24
C ALA B 20 -21.88 -3.19 -30.90
N ALA B 21 -22.91 -3.06 -31.73
CA ALA B 21 -23.22 -1.79 -32.38
C ALA B 21 -24.00 -0.89 -31.42
N ASP B 22 -24.84 -1.49 -30.58
CA ASP B 22 -25.79 -0.75 -29.76
C ASP B 22 -25.54 -1.04 -28.28
N ALA B 23 -26.23 -0.28 -27.43
CA ALA B 23 -26.16 -0.45 -25.98
C ALA B 23 -26.79 -1.76 -25.54
N SER B 24 -27.63 -2.37 -26.40
CA SER B 24 -28.18 -3.69 -26.17
C SER B 24 -27.06 -4.69 -25.86
N GLY B 25 -25.90 -4.51 -26.47
CA GLY B 25 -24.76 -5.38 -26.23
C GLY B 25 -24.85 -6.70 -27.02
N VAL B 26 -25.74 -6.76 -28.02
CA VAL B 26 -25.84 -7.92 -28.89
C VAL B 26 -24.59 -7.98 -29.76
N LEU B 27 -23.90 -9.13 -29.76
CA LEU B 27 -22.70 -9.32 -30.55
C LEU B 27 -23.00 -9.35 -32.05
N GLN B 28 -22.19 -8.65 -32.84
CA GLN B 28 -22.38 -8.53 -34.28
C GLN B 28 -21.03 -8.26 -34.96
N PRO B 29 -20.92 -8.53 -36.28
CA PRO B 29 -19.80 -8.05 -37.06
C PRO B 29 -19.93 -6.54 -37.32
N ILE B 30 -18.80 -5.84 -37.29
CA ILE B 30 -18.75 -4.40 -37.48
C ILE B 30 -17.69 -4.12 -38.54
N LYS B 31 -18.07 -3.43 -39.62
CA LYS B 31 -17.13 -3.07 -40.67
C LYS B 31 -16.63 -1.64 -40.44
N PHE B 32 -15.34 -1.41 -40.71
CA PHE B 32 -14.73 -0.12 -40.46
C PHE B 32 -13.44 -0.01 -41.27
N TYR B 33 -12.74 1.11 -41.11
CA TYR B 33 -11.46 1.31 -41.77
C TYR B 33 -10.38 1.57 -40.73
N ARG B 34 -9.19 1.05 -41.00
CA ARG B 34 -7.99 1.48 -40.31
C ARG B 34 -7.35 2.58 -41.14
N ARG B 35 -6.55 3.43 -40.50
CA ARG B 35 -5.80 4.44 -41.22
C ARG B 35 -4.75 3.78 -42.10
N VAL B 36 -4.33 4.50 -43.14
CA VAL B 36 -3.19 4.09 -43.95
C VAL B 36 -1.96 4.14 -43.04
N PRO B 37 -1.05 3.15 -43.09
CA PRO B 37 0.14 3.18 -42.25
C PRO B 37 0.96 4.43 -42.50
N GLY B 38 1.17 5.23 -41.46
CA GLY B 38 2.16 6.29 -41.50
C GLY B 38 3.58 5.72 -41.45
N GLU B 39 4.56 6.63 -41.38
CA GLU B 39 5.96 6.27 -41.50
C GLU B 39 6.39 5.39 -40.31
N ARG B 40 5.74 5.52 -39.15
CA ARG B 40 6.12 4.77 -37.96
C ARG B 40 5.11 3.65 -37.64
N ASP B 41 4.21 3.36 -38.58
CA ASP B 41 3.11 2.43 -38.33
C ASP B 41 3.47 1.04 -38.80
N VAL B 42 2.83 0.07 -38.16
CA VAL B 42 2.97 -1.34 -38.45
C VAL B 42 1.58 -1.87 -38.78
N LYS B 43 1.42 -2.48 -39.95
CA LYS B 43 0.16 -3.11 -40.30
C LYS B 43 0.23 -4.59 -39.97
N ILE B 44 -0.74 -5.07 -39.20
CA ILE B 44 -0.66 -6.37 -38.57
C ILE B 44 -1.86 -7.20 -39.00
N ARG B 45 -1.58 -8.35 -39.60
CA ARG B 45 -2.60 -9.37 -39.81
C ARG B 45 -2.83 -10.10 -38.49
N VAL B 46 -4.04 -9.99 -37.95
CA VAL B 46 -4.36 -10.59 -36.67
C VAL B 46 -4.54 -12.09 -36.87
N LEU B 47 -3.83 -12.88 -36.06
CA LEU B 47 -3.90 -14.34 -36.12
C LEU B 47 -4.75 -14.86 -34.95
N TYR B 48 -4.51 -14.34 -33.74
CA TYR B 48 -5.29 -14.73 -32.57
C TYR B 48 -5.67 -13.51 -31.75
N SER B 49 -6.88 -13.55 -31.21
CA SER B 49 -7.36 -12.55 -30.28
C SER B 49 -7.87 -13.27 -29.04
N GLY B 50 -7.29 -12.97 -27.88
CA GLY B 50 -7.82 -13.42 -26.62
C GLY B 50 -9.17 -12.76 -26.31
N VAL B 51 -10.00 -13.45 -25.52
CA VAL B 51 -11.22 -12.86 -24.99
C VAL B 51 -11.28 -13.24 -23.51
N CYS B 52 -11.74 -12.31 -22.68
CA CYS B 52 -11.75 -12.53 -21.25
C CYS B 52 -12.94 -11.85 -20.61
N ASN B 53 -13.03 -11.99 -19.28
CA ASN B 53 -14.06 -11.38 -18.46
C ASN B 53 -14.23 -9.88 -18.76
N PHE B 54 -13.11 -9.16 -18.91
CA PHE B 54 -13.15 -7.73 -19.15
C PHE B 54 -13.94 -7.42 -20.42
N ASP B 55 -13.68 -8.17 -21.50
CA ASP B 55 -14.34 -7.96 -22.78
C ASP B 55 -15.83 -8.27 -22.65
N MET B 56 -16.13 -9.34 -21.92
CA MET B 56 -17.51 -9.81 -21.79
C MET B 56 -18.33 -8.73 -21.08
N GLU B 57 -17.71 -8.02 -20.12
CA GLU B 57 -18.42 -7.02 -19.35
C GLU B 57 -18.46 -5.69 -20.12
N MET B 58 -17.38 -5.38 -20.84
CA MET B 58 -17.31 -4.16 -21.62
C MET B 58 -18.42 -4.14 -22.68
N VAL B 59 -18.75 -5.28 -23.30
CA VAL B 59 -19.75 -5.27 -24.36
C VAL B 59 -21.10 -4.85 -23.80
N ARG B 60 -21.36 -5.13 -22.50
CA ARG B 60 -22.60 -4.72 -21.86
C ARG B 60 -22.44 -3.38 -21.11
N ASN B 61 -21.26 -2.74 -21.22
CA ASN B 61 -20.99 -1.45 -20.59
C ASN B 61 -21.23 -1.55 -19.08
N LYS B 62 -20.61 -2.55 -18.43
CA LYS B 62 -20.78 -2.76 -17.01
C LYS B 62 -20.27 -1.56 -16.21
N TRP B 63 -19.19 -0.92 -16.68
CA TRP B 63 -18.48 0.07 -15.89
C TRP B 63 -18.63 1.48 -16.47
N GLY B 64 -19.37 1.64 -17.58
CA GLY B 64 -19.59 2.94 -18.18
C GLY B 64 -18.40 3.43 -19.02
N PHE B 65 -17.45 2.53 -19.33
CA PHE B 65 -16.28 2.89 -20.13
C PHE B 65 -16.51 2.63 -21.61
N THR B 66 -17.65 1.99 -21.96
CA THR B 66 -17.84 1.51 -23.32
C THR B 66 -18.52 2.57 -24.17
N ARG B 67 -17.94 2.87 -25.32
CA ARG B 67 -18.58 3.68 -26.33
C ARG B 67 -18.91 2.79 -27.52
N TYR B 68 -20.13 2.92 -28.07
CA TYR B 68 -20.59 2.08 -29.17
C TYR B 68 -20.53 2.88 -30.47
N PRO B 69 -20.29 2.25 -31.65
CA PRO B 69 -19.98 0.82 -31.75
C PRO B 69 -18.66 0.42 -31.07
N TYR B 70 -18.65 -0.79 -30.54
CA TYR B 70 -17.56 -1.26 -29.70
C TYR B 70 -17.00 -2.56 -30.29
N VAL B 71 -15.73 -2.53 -30.69
CA VAL B 71 -15.01 -3.73 -31.08
C VAL B 71 -13.96 -4.01 -30.02
N PHE B 72 -14.14 -5.13 -29.29
CA PHE B 72 -13.24 -5.45 -28.19
C PHE B 72 -11.94 -6.00 -28.73
N GLY B 73 -10.93 -6.05 -27.86
CA GLY B 73 -9.72 -6.81 -28.09
C GLY B 73 -8.46 -6.09 -27.59
N HIS B 74 -7.95 -6.53 -26.43
CA HIS B 74 -6.74 -6.02 -25.82
C HIS B 74 -5.69 -7.12 -25.72
N GLU B 75 -5.93 -8.25 -26.41
CA GLU B 75 -5.04 -9.40 -26.35
C GLU B 75 -4.81 -9.89 -27.77
N THR B 76 -3.92 -9.21 -28.52
CA THR B 76 -3.83 -9.45 -29.95
C THR B 76 -2.45 -9.96 -30.34
N ALA B 77 -2.41 -11.07 -31.09
CA ALA B 77 -1.18 -11.60 -31.63
C ALA B 77 -1.34 -11.79 -33.14
N GLY B 78 -0.31 -11.45 -33.90
CA GLY B 78 -0.39 -11.58 -35.34
C GLY B 78 0.97 -11.50 -36.01
N GLU B 79 0.97 -11.11 -37.28
CA GLU B 79 2.19 -11.00 -38.05
C GLU B 79 2.17 -9.71 -38.85
N VAL B 80 3.37 -9.15 -39.04
CA VAL B 80 3.54 -7.90 -39.76
C VAL B 80 3.40 -8.20 -41.25
N VAL B 81 2.48 -7.50 -41.93
CA VAL B 81 2.32 -7.59 -43.37
C VAL B 81 2.83 -6.33 -44.08
N GLU B 82 2.92 -5.21 -43.37
CA GLU B 82 3.45 -3.98 -43.94
C GLU B 82 4.02 -3.08 -42.84
N VAL B 83 5.06 -2.31 -43.19
CA VAL B 83 5.63 -1.35 -42.24
C VAL B 83 5.80 -0.02 -42.96
N GLY B 84 5.69 1.07 -42.19
CA GLY B 84 6.05 2.39 -42.67
C GLY B 84 7.56 2.50 -42.89
N SER B 85 7.95 3.49 -43.69
CA SER B 85 9.31 3.62 -44.21
C SER B 85 10.34 3.87 -43.09
N LYS B 86 9.89 4.32 -41.92
CA LYS B 86 10.79 4.70 -40.84
C LYS B 86 10.72 3.71 -39.68
N VAL B 87 10.05 2.57 -39.87
CA VAL B 87 9.97 1.53 -38.87
C VAL B 87 11.32 0.82 -38.80
N GLU B 88 11.86 0.70 -37.57
CA GLU B 88 13.16 0.11 -37.35
C GLU B 88 13.05 -1.22 -36.61
N LYS B 89 11.97 -1.44 -35.86
CA LYS B 89 11.88 -2.58 -34.97
C LYS B 89 11.52 -3.84 -35.75
N PHE B 90 10.63 -3.73 -36.74
CA PHE B 90 9.94 -4.89 -37.31
C PHE B 90 10.13 -4.94 -38.82
N LYS B 91 10.21 -6.16 -39.37
CA LYS B 91 10.12 -6.36 -40.81
C LYS B 91 8.93 -7.24 -41.13
N VAL B 92 8.52 -7.23 -42.40
CA VAL B 92 7.45 -8.08 -42.90
C VAL B 92 7.76 -9.52 -42.50
N GLY B 93 6.72 -10.22 -42.00
CA GLY B 93 6.84 -11.60 -41.56
C GLY B 93 6.99 -11.74 -40.04
N ASP B 94 7.40 -10.67 -39.34
CA ASP B 94 7.69 -10.78 -37.92
C ASP B 94 6.39 -11.07 -37.15
N LYS B 95 6.48 -11.94 -36.14
CA LYS B 95 5.37 -12.18 -35.24
C LYS B 95 5.39 -11.10 -34.16
N VAL B 96 4.20 -10.56 -33.84
CA VAL B 96 4.08 -9.40 -32.96
C VAL B 96 2.82 -9.55 -32.12
N ALA B 97 2.66 -8.62 -31.17
CA ALA B 97 1.44 -8.56 -30.39
C ALA B 97 1.14 -7.12 -30.00
N VAL B 98 -0.13 -6.89 -29.67
CA VAL B 98 -0.59 -5.61 -29.17
C VAL B 98 -1.42 -5.90 -27.92
N GLY B 99 -1.17 -5.11 -26.87
CA GLY B 99 -1.91 -5.22 -25.63
C GLY B 99 -3.06 -4.23 -25.59
N CYS B 100 -3.22 -3.57 -24.44
CA CYS B 100 -4.42 -2.79 -24.18
C CYS B 100 -4.30 -1.38 -24.78
N MET B 101 -3.08 -0.94 -25.09
CA MET B 101 -2.87 0.44 -25.52
C MET B 101 -2.21 0.49 -26.89
N VAL B 102 -2.55 1.55 -27.65
CA VAL B 102 -1.96 1.78 -28.96
C VAL B 102 -1.36 3.19 -29.03
N GLY B 103 -1.40 3.93 -27.91
CA GLY B 103 -0.86 5.27 -27.89
C GLY B 103 -0.94 5.88 -26.49
N SER B 104 -0.17 6.95 -26.29
CA SER B 104 -0.23 7.74 -25.07
C SER B 104 0.30 9.14 -25.40
N CYS B 105 0.23 10.06 -24.43
CA CYS B 105 0.58 11.43 -24.71
C CYS B 105 2.07 11.54 -25.00
N GLY B 106 2.88 10.71 -24.32
CA GLY B 106 4.30 10.60 -24.62
C GLY B 106 5.16 11.71 -24.00
N GLN B 107 4.55 12.63 -23.24
CA GLN B 107 5.29 13.76 -22.69
C GLN B 107 5.09 13.91 -21.17
N CYS B 108 4.17 13.14 -20.57
CA CYS B 108 3.93 13.24 -19.13
C CYS B 108 4.98 12.40 -18.40
N TYR B 109 5.09 12.61 -17.07
CA TYR B 109 6.07 11.93 -16.27
C TYR B 109 5.91 10.42 -16.38
N ASN B 110 4.65 9.95 -16.41
CA ASN B 110 4.36 8.53 -16.50
C ASN B 110 4.89 7.97 -17.81
N CYS B 111 4.59 8.64 -18.93
CA CYS B 111 5.05 8.21 -20.24
C CYS B 111 6.58 8.19 -20.31
N GLN B 112 7.22 9.24 -19.78
CA GLN B 112 8.68 9.37 -19.80
C GLN B 112 9.33 8.23 -19.00
N SER B 113 8.69 7.83 -17.89
CA SER B 113 9.23 6.83 -16.98
C SER B 113 8.77 5.43 -17.37
N GLY B 114 8.17 5.28 -18.55
CA GLY B 114 7.82 3.97 -19.09
C GLY B 114 6.57 3.35 -18.45
N MET B 115 5.69 4.20 -17.90
N MET B 115 5.67 4.17 -17.88
CA MET B 115 4.45 3.77 -17.30
CA MET B 115 4.44 3.63 -17.34
C MET B 115 3.28 4.35 -18.10
C MET B 115 3.26 4.28 -18.07
N GLU B 116 3.24 4.03 -19.40
CA GLU B 116 2.28 4.66 -20.31
C GLU B 116 0.86 4.25 -19.94
N ASN B 117 0.71 3.08 -19.29
CA ASN B 117 -0.58 2.61 -18.84
C ASN B 117 -1.19 3.55 -17.81
N TYR B 118 -0.37 4.41 -17.20
CA TYR B 118 -0.88 5.39 -16.25
C TYR B 118 -0.78 6.81 -16.80
N CYS B 119 -0.72 6.94 -18.13
CA CYS B 119 -0.87 8.23 -18.77
C CYS B 119 -2.27 8.74 -18.51
N PRO B 120 -2.48 10.04 -18.21
CA PRO B 120 -3.84 10.59 -18.10
C PRO B 120 -4.67 10.46 -19.38
N GLU B 121 -3.99 10.40 -20.55
CA GLU B 121 -4.65 10.37 -21.84
C GLU B 121 -4.20 9.12 -22.60
N PRO B 122 -4.56 7.90 -22.15
CA PRO B 122 -4.17 6.69 -22.85
C PRO B 122 -5.02 6.53 -24.11
N ASN B 123 -4.43 5.93 -25.14
CA ASN B 123 -5.20 5.56 -26.33
CA ASN B 123 -5.14 5.56 -26.36
C ASN B 123 -5.36 4.05 -26.29
N MET B 124 -6.57 3.63 -25.93
CA MET B 124 -6.86 2.23 -25.67
C MET B 124 -7.21 1.56 -26.99
N ALA B 125 -6.73 0.31 -27.17
CA ALA B 125 -6.96 -0.43 -28.41
C ALA B 125 -8.46 -0.52 -28.68
N ASP B 126 -9.25 -0.83 -27.65
CA ASP B 126 -10.67 -1.07 -27.84
C ASP B 126 -11.48 0.22 -27.72
N GLY B 127 -10.79 1.33 -27.48
CA GLY B 127 -11.41 2.65 -27.45
C GLY B 127 -12.15 2.94 -26.15
N SER B 128 -11.86 2.17 -25.10
CA SER B 128 -12.50 2.38 -23.80
C SER B 128 -12.04 3.70 -23.19
N VAL B 129 -12.96 4.42 -22.57
CA VAL B 129 -12.76 5.78 -22.09
C VAL B 129 -12.90 5.79 -20.57
N TYR B 130 -11.75 5.72 -19.87
CA TYR B 130 -11.73 5.60 -18.42
C TYR B 130 -10.94 6.77 -17.81
N GLU B 135 -8.76 8.60 -28.65
CA GLU B 135 -9.17 8.39 -30.06
C GLU B 135 -10.23 7.28 -30.11
N ARG B 136 -11.14 7.39 -31.09
CA ARG B 136 -12.15 6.36 -31.33
C ARG B 136 -11.52 5.19 -32.08
N SER B 137 -11.36 4.05 -31.38
CA SER B 137 -10.59 2.93 -31.89
C SER B 137 -11.44 1.66 -31.87
N TYR B 138 -11.01 0.70 -32.69
CA TYR B 138 -11.57 -0.62 -32.71
C TYR B 138 -10.49 -1.59 -32.25
N GLY B 139 -10.88 -2.53 -31.38
CA GLY B 139 -9.94 -3.44 -30.74
C GLY B 139 -9.43 -4.52 -31.69
N GLY B 140 -8.73 -5.49 -31.10
CA GLY B 140 -7.97 -6.50 -31.82
C GLY B 140 -8.79 -7.71 -32.25
N CYS B 141 -10.06 -7.79 -31.87
CA CYS B 141 -10.94 -8.84 -32.38
C CYS B 141 -11.40 -8.41 -33.77
N SER B 142 -10.42 -8.33 -34.68
CA SER B 142 -10.57 -7.81 -36.01
C SER B 142 -9.48 -8.41 -36.88
N ASN B 143 -9.63 -8.25 -38.20
CA ASN B 143 -8.76 -8.94 -39.16
C ASN B 143 -7.40 -8.26 -39.26
N VAL B 144 -7.35 -6.95 -38.99
CA VAL B 144 -6.16 -6.17 -39.25
C VAL B 144 -6.11 -5.00 -38.26
N MET B 145 -4.87 -4.66 -37.87
CA MET B 145 -4.60 -3.55 -36.98
C MET B 145 -3.46 -2.72 -37.59
N VAL B 146 -3.54 -1.40 -37.39
CA VAL B 146 -2.46 -0.49 -37.74
C VAL B 146 -2.09 0.29 -36.49
N VAL B 147 -0.82 0.14 -36.07
CA VAL B 147 -0.39 0.56 -34.74
C VAL B 147 1.02 1.15 -34.85
N ASP B 148 1.27 2.23 -34.12
CA ASP B 148 2.61 2.82 -34.06
C ASP B 148 3.57 1.80 -33.44
N GLU B 149 4.77 1.69 -34.04
CA GLU B 149 5.72 0.65 -33.69
C GLU B 149 6.02 0.65 -32.19
N LYS B 150 5.95 1.82 -31.55
CA LYS B 150 6.24 1.94 -30.13
C LYS B 150 5.35 1.00 -29.30
N PHE B 151 4.10 0.80 -29.73
CA PHE B 151 3.12 0.05 -28.95
C PHE B 151 2.96 -1.38 -29.48
N VAL B 152 3.86 -1.82 -30.36
CA VAL B 152 3.86 -3.18 -30.86
C VAL B 152 4.95 -3.96 -30.12
N LEU B 153 4.60 -5.18 -29.70
CA LEU B 153 5.51 -6.04 -28.97
C LEU B 153 6.10 -7.09 -29.91
N ARG B 154 7.38 -7.40 -29.66
CA ARG B 154 8.04 -8.51 -30.33
C ARG B 154 7.54 -9.82 -29.70
N TRP B 155 7.05 -10.74 -30.54
CA TRP B 155 6.59 -12.03 -30.05
C TRP B 155 7.78 -13.00 -30.03
N PRO B 156 8.11 -13.62 -28.86
CA PRO B 156 9.23 -14.56 -28.78
C PRO B 156 8.99 -15.80 -29.64
N GLU B 157 10.07 -16.29 -30.26
CA GLU B 157 9.98 -17.37 -31.23
C GLU B 157 9.50 -18.67 -30.58
N ASN B 158 9.81 -18.87 -29.29
CA ASN B 158 9.58 -20.16 -28.66
C ASN B 158 8.20 -20.23 -28.00
N LEU B 159 7.42 -19.14 -28.03
CA LEU B 159 6.07 -19.15 -27.50
C LEU B 159 5.07 -19.35 -28.63
N PRO B 160 4.09 -20.28 -28.52
CA PRO B 160 3.00 -20.33 -29.50
C PRO B 160 2.05 -19.15 -29.29
N GLN B 161 1.52 -18.59 -30.37
CA GLN B 161 0.66 -17.42 -30.28
C GLN B 161 -0.73 -17.82 -29.78
N ASP B 162 -1.17 -19.05 -30.08
CA ASP B 162 -2.54 -19.45 -29.74
C ASP B 162 -2.67 -19.62 -28.21
N LYS B 163 -1.68 -20.26 -27.57
CA LYS B 163 -1.73 -20.47 -26.12
C LYS B 163 -1.07 -19.31 -25.37
N GLY B 164 -0.26 -18.52 -26.06
CA GLY B 164 0.45 -17.43 -25.42
C GLY B 164 -0.32 -16.12 -25.39
N VAL B 165 -1.32 -15.94 -26.26
CA VAL B 165 -1.92 -14.62 -26.46
C VAL B 165 -2.56 -14.12 -25.16
N ALA B 166 -3.06 -15.04 -24.33
CA ALA B 166 -3.68 -14.65 -23.06
C ALA B 166 -2.67 -14.07 -22.06
N LEU B 167 -1.38 -14.37 -22.24
CA LEU B 167 -0.35 -13.79 -21.38
C LEU B 167 -0.38 -12.26 -21.46
N LEU B 168 -0.87 -11.71 -22.58
CA LEU B 168 -0.93 -10.27 -22.77
C LEU B 168 -1.86 -9.62 -21.76
N CYS B 169 -2.72 -10.43 -21.13
CA CYS B 169 -3.68 -9.96 -20.15
C CYS B 169 -3.38 -10.62 -18.80
N ALA B 170 -3.49 -11.95 -18.76
CA ALA B 170 -3.23 -12.74 -17.56
C ALA B 170 -1.82 -12.49 -17.04
N GLY B 171 -0.84 -12.45 -17.95
CA GLY B 171 0.56 -12.36 -17.57
C GLY B 171 0.96 -10.99 -17.04
N VAL B 172 0.67 -9.95 -17.82
CA VAL B 172 1.19 -8.63 -17.50
C VAL B 172 0.54 -8.13 -16.20
N VAL B 173 -0.75 -8.43 -16.01
CA VAL B 173 -1.50 -7.87 -14.90
C VAL B 173 -0.89 -8.33 -13.57
N VAL B 174 -0.37 -9.56 -13.52
CA VAL B 174 0.16 -10.10 -12.27
C VAL B 174 1.67 -9.83 -12.18
N TYR B 175 2.37 -9.84 -13.32
CA TYR B 175 3.81 -9.63 -13.35
C TYR B 175 4.17 -8.21 -12.89
N SER B 176 3.41 -7.21 -13.34
CA SER B 176 3.70 -5.81 -13.12
C SER B 176 3.74 -5.45 -11.63
N PRO B 177 2.69 -5.73 -10.83
CA PRO B 177 2.72 -5.41 -9.40
C PRO B 177 3.80 -6.17 -8.61
N MET B 178 4.06 -7.43 -8.97
CA MET B 178 5.04 -8.22 -8.26
C MET B 178 6.43 -7.65 -8.47
N LYS B 179 6.69 -7.14 -9.68
CA LYS B 179 7.96 -6.48 -9.99
C LYS B 179 8.05 -5.15 -9.25
N HIS B 180 6.96 -4.39 -9.26
CA HIS B 180 6.94 -3.08 -8.61
C HIS B 180 7.25 -3.22 -7.12
N LEU B 181 6.73 -4.29 -6.49
CA LEU B 181 6.91 -4.49 -5.06
C LEU B 181 8.19 -5.26 -4.74
N GLY B 182 8.95 -5.67 -5.77
CA GLY B 182 10.18 -6.42 -5.56
C GLY B 182 9.94 -7.84 -5.04
N LEU B 183 8.77 -8.40 -5.36
CA LEU B 183 8.38 -9.74 -4.91
C LEU B 183 8.86 -10.81 -5.89
N ASP B 184 9.42 -10.39 -7.02
CA ASP B 184 9.88 -11.31 -8.05
C ASP B 184 11.30 -11.77 -7.74
N LYS B 185 11.54 -12.17 -6.49
CA LYS B 185 12.84 -12.61 -6.02
C LYS B 185 12.72 -14.03 -5.49
N PRO B 186 13.79 -14.87 -5.56
CA PRO B 186 13.75 -16.21 -4.98
C PRO B 186 13.48 -16.14 -3.48
N GLY B 187 12.70 -17.10 -2.97
CA GLY B 187 12.51 -17.23 -1.53
C GLY B 187 11.18 -16.64 -1.06
N LYS B 188 10.55 -15.80 -1.88
CA LYS B 188 9.34 -15.11 -1.47
C LYS B 188 8.17 -16.10 -1.49
N HIS B 189 7.29 -15.96 -0.49
CA HIS B 189 6.09 -16.75 -0.40
C HIS B 189 4.89 -15.88 -0.78
N ILE B 190 4.23 -16.23 -1.88
CA ILE B 190 3.14 -15.42 -2.41
C ILE B 190 1.87 -16.27 -2.44
N GLY B 191 0.79 -15.72 -1.84
CA GLY B 191 -0.52 -16.31 -1.93
C GLY B 191 -1.30 -15.78 -3.14
N VAL B 192 -2.08 -16.64 -3.79
CA VAL B 192 -2.88 -16.29 -4.95
C VAL B 192 -4.33 -16.70 -4.68
N PHE B 193 -5.23 -15.71 -4.65
CA PHE B 193 -6.66 -15.97 -4.54
C PHE B 193 -7.31 -16.04 -5.91
N GLY B 194 -7.90 -17.21 -6.19
CA GLY B 194 -8.65 -17.44 -7.41
C GLY B 194 -7.75 -18.03 -8.49
N LEU B 195 -8.01 -19.29 -8.87
CA LEU B 195 -7.20 -19.94 -9.89
C LEU B 195 -7.95 -19.94 -11.21
N GLY B 196 -7.93 -18.79 -11.88
CA GLY B 196 -8.34 -18.68 -13.28
C GLY B 196 -7.14 -18.33 -14.14
N GLY B 197 -7.38 -17.55 -15.21
CA GLY B 197 -6.30 -17.09 -16.07
C GLY B 197 -5.21 -16.36 -15.30
N LEU B 198 -5.57 -15.30 -14.57
CA LEU B 198 -4.58 -14.51 -13.85
C LEU B 198 -3.92 -15.36 -12.77
N GLY B 199 -4.76 -16.05 -12.00
CA GLY B 199 -4.30 -16.88 -10.89
C GLY B 199 -3.28 -17.93 -11.33
N SER B 200 -3.61 -18.69 -12.37
CA SER B 200 -2.79 -19.80 -12.81
C SER B 200 -1.43 -19.29 -13.31
N VAL B 201 -1.46 -18.19 -14.07
CA VAL B 201 -0.25 -17.63 -14.63
C VAL B 201 0.62 -17.05 -13.51
N ALA B 202 -0.01 -16.46 -12.49
CA ALA B 202 0.70 -15.90 -11.35
C ALA B 202 1.50 -17.02 -10.66
N VAL B 203 0.85 -18.15 -10.42
CA VAL B 203 1.49 -19.30 -9.80
C VAL B 203 2.72 -19.69 -10.61
N LYS B 204 2.57 -19.77 -11.94
CA LYS B 204 3.64 -20.21 -12.79
C LYS B 204 4.80 -19.20 -12.79
N PHE B 205 4.48 -17.90 -12.79
CA PHE B 205 5.50 -16.88 -12.68
C PHE B 205 6.22 -16.97 -11.33
N ILE B 206 5.45 -17.15 -10.25
CA ILE B 206 6.04 -17.20 -8.92
C ILE B 206 7.06 -18.34 -8.83
N LYS B 207 6.69 -19.52 -9.33
CA LYS B 207 7.57 -20.67 -9.30
C LYS B 207 8.83 -20.39 -10.11
N ALA B 208 8.66 -19.77 -11.29
CA ALA B 208 9.79 -19.49 -12.17
C ALA B 208 10.72 -18.43 -11.57
N PHE B 209 10.18 -17.51 -10.75
CA PHE B 209 10.97 -16.52 -10.04
C PHE B 209 11.79 -17.17 -8.92
N GLY B 210 11.44 -18.43 -8.56
CA GLY B 210 12.08 -19.14 -7.47
C GLY B 210 11.35 -18.94 -6.14
N GLY B 211 10.07 -18.55 -6.22
CA GLY B 211 9.28 -18.32 -5.03
C GLY B 211 8.40 -19.52 -4.70
N LYS B 212 7.57 -19.32 -3.69
CA LYS B 212 6.67 -20.33 -3.17
C LYS B 212 5.25 -19.80 -3.36
N ALA B 213 4.38 -20.63 -3.95
CA ALA B 213 3.03 -20.20 -4.28
C ALA B 213 1.99 -21.03 -3.53
N THR B 214 1.11 -20.34 -2.80
CA THR B 214 -0.06 -20.96 -2.19
C THR B 214 -1.32 -20.45 -2.90
N VAL B 215 -2.20 -21.38 -3.27
CA VAL B 215 -3.44 -21.06 -3.94
C VAL B 215 -4.58 -21.18 -2.93
N ILE B 216 -5.42 -20.14 -2.85
CA ILE B 216 -6.68 -20.20 -2.14
C ILE B 216 -7.81 -20.08 -3.16
N SER B 217 -8.65 -21.13 -3.24
CA SER B 217 -9.66 -21.28 -4.26
C SER B 217 -11.00 -21.64 -3.61
N THR B 218 -12.09 -21.36 -4.31
CA THR B 218 -13.42 -21.81 -3.90
C THR B 218 -13.72 -23.20 -4.45
N SER B 219 -12.92 -23.67 -5.43
CA SER B 219 -13.15 -24.91 -6.15
C SER B 219 -12.17 -26.01 -5.70
N ARG B 220 -12.68 -26.98 -4.94
CA ARG B 220 -11.91 -28.11 -4.45
C ARG B 220 -11.36 -28.96 -5.60
N ARG B 221 -12.10 -29.00 -6.72
CA ARG B 221 -11.75 -29.77 -7.92
C ARG B 221 -10.44 -29.29 -8.55
N LYS B 222 -10.07 -28.03 -8.31
CA LYS B 222 -8.89 -27.42 -8.93
C LYS B 222 -7.61 -27.78 -8.19
N GLU B 223 -7.69 -28.53 -7.08
CA GLU B 223 -6.51 -28.90 -6.31
C GLU B 223 -5.50 -29.57 -7.22
N LYS B 224 -5.94 -30.55 -8.01
CA LYS B 224 -5.04 -31.38 -8.79
C LYS B 224 -4.26 -30.54 -9.80
N GLU B 225 -4.98 -29.72 -10.59
CA GLU B 225 -4.33 -28.92 -11.61
C GLU B 225 -3.42 -27.87 -10.97
N ALA B 226 -3.80 -27.36 -9.79
CA ALA B 226 -2.98 -26.38 -9.08
C ALA B 226 -1.62 -26.96 -8.72
N ILE B 227 -1.63 -28.18 -8.16
CA ILE B 227 -0.43 -28.82 -7.66
C ILE B 227 0.33 -29.45 -8.84
N GLU B 228 -0.37 -30.25 -9.65
CA GLU B 228 0.29 -31.11 -10.62
C GLU B 228 0.62 -30.36 -11.91
N GLU B 229 -0.18 -29.37 -12.32
CA GLU B 229 0.06 -28.68 -13.58
C GLU B 229 0.83 -27.37 -13.34
N HIS B 230 0.39 -26.58 -12.36
CA HIS B 230 0.91 -25.22 -12.21
C HIS B 230 2.10 -25.19 -11.26
N GLY B 231 2.25 -26.21 -10.40
CA GLY B 231 3.40 -26.35 -9.53
C GLY B 231 3.25 -25.59 -8.21
N ALA B 232 2.00 -25.29 -7.82
CA ALA B 232 1.73 -24.66 -6.54
C ALA B 232 2.27 -25.54 -5.41
N ASP B 233 2.75 -24.90 -4.33
CA ASP B 233 3.32 -25.60 -3.20
C ASP B 233 2.21 -25.99 -2.20
N ALA B 234 1.07 -25.32 -2.31
CA ALA B 234 -0.03 -25.58 -1.40
C ALA B 234 -1.32 -25.11 -2.05
N PHE B 235 -2.41 -25.79 -1.69
CA PHE B 235 -3.74 -25.46 -2.19
C PHE B 235 -4.70 -25.53 -1.02
N VAL B 236 -5.48 -24.47 -0.84
CA VAL B 236 -6.37 -24.33 0.31
C VAL B 236 -7.72 -23.86 -0.21
N VAL B 237 -8.79 -24.51 0.26
CA VAL B 237 -10.14 -24.06 -0.04
C VAL B 237 -10.46 -22.90 0.90
N ASN B 238 -11.14 -21.88 0.35
CA ASN B 238 -11.37 -20.60 1.00
C ASN B 238 -12.20 -20.75 2.28
N THR B 239 -12.98 -21.83 2.39
CA THR B 239 -13.79 -22.07 3.57
C THR B 239 -13.05 -22.92 4.61
N ASP B 240 -11.75 -23.21 4.40
CA ASP B 240 -10.99 -24.05 5.32
C ASP B 240 -10.32 -23.18 6.39
N SER B 241 -11.11 -22.77 7.38
CA SER B 241 -10.70 -21.75 8.34
C SER B 241 -9.45 -22.16 9.12
N GLU B 242 -9.38 -23.42 9.56
CA GLU B 242 -8.29 -23.89 10.39
C GLU B 242 -6.96 -23.84 9.61
N GLN B 243 -6.99 -24.19 8.32
CA GLN B 243 -5.78 -24.18 7.54
C GLN B 243 -5.33 -22.75 7.28
N LEU B 244 -6.29 -21.84 7.05
CA LEU B 244 -5.99 -20.44 6.79
C LEU B 244 -5.38 -19.78 8.02
N LYS B 245 -5.95 -20.08 9.20
CA LYS B 245 -5.39 -19.65 10.48
C LYS B 245 -3.93 -20.08 10.59
N ALA B 246 -3.61 -21.31 10.17
CA ALA B 246 -2.27 -21.86 10.31
C ALA B 246 -1.28 -21.15 9.38
N LEU B 247 -1.79 -20.50 8.32
CA LEU B 247 -0.94 -19.79 7.38
C LEU B 247 -0.80 -18.32 7.76
N ALA B 248 -1.31 -17.93 8.93
CA ALA B 248 -1.23 -16.55 9.37
C ALA B 248 0.24 -16.13 9.43
N GLY B 249 0.56 -14.98 8.82
CA GLY B 249 1.85 -14.35 8.99
C GLY B 249 2.97 -15.03 8.18
N THR B 250 2.62 -15.69 7.07
CA THR B 250 3.60 -16.49 6.34
C THR B 250 3.92 -15.93 4.94
N MET B 251 3.15 -14.95 4.44
CA MET B 251 3.25 -14.56 3.03
C MET B 251 3.82 -13.16 2.87
N ASP B 252 4.78 -13.04 1.96
CA ASP B 252 5.37 -11.76 1.57
C ASP B 252 4.37 -10.93 0.77
N GLY B 253 3.50 -11.62 0.02
CA GLY B 253 2.51 -10.95 -0.82
C GLY B 253 1.29 -11.83 -1.04
N VAL B 254 0.16 -11.18 -1.30
CA VAL B 254 -1.06 -11.85 -1.70
C VAL B 254 -1.57 -11.18 -2.97
N VAL B 255 -1.81 -11.99 -4.00
CA VAL B 255 -2.37 -11.55 -5.26
C VAL B 255 -3.84 -11.94 -5.28
N ASP B 256 -4.73 -10.94 -5.26
CA ASP B 256 -6.17 -11.17 -5.27
C ASP B 256 -6.72 -10.98 -6.68
N THR B 257 -7.05 -12.10 -7.36
CA THR B 257 -7.64 -12.06 -8.68
C THR B 257 -9.16 -12.19 -8.61
N THR B 258 -9.73 -12.36 -7.41
CA THR B 258 -11.18 -12.50 -7.26
C THR B 258 -11.84 -11.14 -7.43
N PRO B 259 -13.16 -11.07 -7.73
CA PRO B 259 -13.84 -9.77 -7.83
C PRO B 259 -13.69 -9.04 -6.51
N GLY B 260 -13.37 -7.74 -6.60
CA GLY B 260 -13.13 -6.90 -5.45
C GLY B 260 -14.29 -6.96 -4.47
N GLY B 261 -13.99 -7.37 -3.23
CA GLY B 261 -14.98 -7.43 -2.18
C GLY B 261 -15.42 -8.87 -1.90
N ARG B 262 -15.07 -9.80 -2.79
CA ARG B 262 -15.53 -11.17 -2.65
C ARG B 262 -14.60 -11.94 -1.71
N THR B 263 -13.35 -11.51 -1.58
CA THR B 263 -12.45 -12.07 -0.58
C THR B 263 -12.33 -11.09 0.59
N PRO B 264 -12.56 -11.52 1.85
CA PRO B 264 -12.42 -10.63 3.01
C PRO B 264 -10.99 -10.05 3.11
N MET B 265 -10.91 -8.73 3.26
CA MET B 265 -9.62 -8.06 3.38
C MET B 265 -8.91 -8.50 4.66
N SER B 266 -9.68 -8.79 5.70
CA SER B 266 -9.15 -9.24 6.99
C SER B 266 -8.36 -10.53 6.83
N LEU B 267 -8.87 -11.45 6.01
CA LEU B 267 -8.19 -12.70 5.73
C LEU B 267 -6.85 -12.44 5.06
N MET B 268 -6.88 -11.63 4.00
CA MET B 268 -5.70 -11.40 3.18
C MET B 268 -4.60 -10.71 4.01
N LEU B 269 -4.99 -9.77 4.88
CA LEU B 269 -4.04 -9.06 5.72
C LEU B 269 -3.43 -10.01 6.75
N ASN B 270 -4.25 -10.91 7.30
CA ASN B 270 -3.80 -11.86 8.33
C ASN B 270 -2.75 -12.82 7.77
N LEU B 271 -2.82 -13.14 6.47
CA LEU B 271 -1.88 -14.08 5.88
C LEU B 271 -0.48 -13.47 5.70
N LEU B 272 -0.41 -12.13 5.73
CA LEU B 272 0.81 -11.42 5.39
C LEU B 272 1.82 -11.42 6.54
N LYS B 273 3.10 -11.48 6.17
CA LYS B 273 4.19 -11.16 7.07
C LYS B 273 4.23 -9.66 7.31
N PHE B 274 5.07 -9.26 8.28
CA PHE B 274 5.50 -7.88 8.42
C PHE B 274 5.97 -7.34 7.07
N ASP B 275 5.53 -6.13 6.73
CA ASP B 275 5.86 -5.44 5.49
C ASP B 275 5.27 -6.15 4.27
N GLY B 276 4.34 -7.08 4.45
CA GLY B 276 3.72 -7.75 3.32
C GLY B 276 2.74 -6.84 2.58
N ALA B 277 2.41 -7.22 1.35
CA ALA B 277 1.54 -6.41 0.50
C ALA B 277 0.41 -7.25 -0.06
N VAL B 278 -0.81 -6.70 0.00
CA VAL B 278 -1.93 -7.20 -0.78
C VAL B 278 -1.97 -6.46 -2.11
N MET B 279 -2.01 -7.23 -3.20
CA MET B 279 -2.10 -6.70 -4.55
C MET B 279 -3.48 -7.00 -5.11
N LEU B 280 -4.33 -5.97 -5.19
CA LEU B 280 -5.66 -6.09 -5.77
C LEU B 280 -5.58 -5.87 -7.28
N VAL B 281 -6.02 -6.87 -8.04
CA VAL B 281 -6.09 -6.75 -9.48
C VAL B 281 -7.48 -7.12 -10.00
N GLY B 282 -8.36 -7.66 -9.14
CA GLY B 282 -9.68 -8.08 -9.59
C GLY B 282 -10.61 -6.91 -9.88
N ALA B 283 -11.62 -7.16 -10.73
CA ALA B 283 -12.63 -6.15 -11.03
C ALA B 283 -13.38 -5.79 -9.75
N PRO B 284 -13.43 -4.50 -9.36
CA PRO B 284 -14.23 -4.08 -8.20
C PRO B 284 -15.69 -4.48 -8.38
N GLU B 285 -16.26 -5.10 -7.35
CA GLU B 285 -17.66 -5.51 -7.34
C GLU B 285 -18.37 -4.89 -6.14
N SER B 286 -17.73 -4.94 -4.96
CA SER B 286 -18.27 -4.30 -3.76
C SER B 286 -17.15 -3.82 -2.86
N LEU B 287 -17.52 -2.97 -1.89
CA LEU B 287 -16.58 -2.41 -0.93
C LEU B 287 -15.92 -3.51 -0.10
N PHE B 288 -14.60 -3.38 0.13
CA PHE B 288 -13.94 -4.14 1.17
C PHE B 288 -14.18 -3.50 2.53
N GLU B 289 -14.23 -4.34 3.56
CA GLU B 289 -14.14 -3.90 4.95
C GLU B 289 -12.67 -3.92 5.36
N LEU B 290 -12.11 -2.75 5.69
CA LEU B 290 -10.70 -2.62 5.97
C LEU B 290 -10.48 -2.34 7.45
N PRO B 291 -9.92 -3.30 8.22
CA PRO B 291 -9.48 -3.04 9.59
C PRO B 291 -8.09 -2.42 9.58
N ALA B 292 -7.92 -1.33 10.34
CA ALA B 292 -6.66 -0.59 10.33
C ALA B 292 -5.60 -1.29 11.18
N ALA B 293 -6.03 -2.01 12.22
CA ALA B 293 -5.12 -2.53 13.23
C ALA B 293 -4.05 -3.44 12.60
N PRO B 294 -4.40 -4.40 11.72
CA PRO B 294 -3.39 -5.22 11.03
C PRO B 294 -2.40 -4.43 10.17
N LEU B 295 -2.88 -3.40 9.45
CA LEU B 295 -2.01 -2.55 8.65
C LEU B 295 -0.97 -1.88 9.54
N ILE B 296 -1.44 -1.29 10.65
CA ILE B 296 -0.61 -0.50 11.54
C ILE B 296 0.39 -1.39 12.28
N MET B 297 -0.08 -2.50 12.85
CA MET B 297 0.74 -3.39 13.65
C MET B 297 1.82 -4.07 12.80
N GLY B 298 1.52 -4.32 11.50
CA GLY B 298 2.40 -5.09 10.65
C GLY B 298 3.11 -4.27 9.57
N ARG B 299 2.87 -2.95 9.57
CA ARG B 299 3.25 -2.07 8.47
C ARG B 299 2.94 -2.76 7.14
N LYS B 300 1.72 -3.29 7.03
CA LYS B 300 1.28 -3.96 5.81
C LYS B 300 0.70 -2.93 4.86
N LYS B 301 0.65 -3.30 3.57
CA LYS B 301 0.17 -2.39 2.55
C LYS B 301 -0.83 -3.10 1.64
N ILE B 302 -1.77 -2.30 1.14
CA ILE B 302 -2.70 -2.68 0.09
C ILE B 302 -2.41 -1.79 -1.09
N ILE B 303 -2.23 -2.41 -2.25
CA ILE B 303 -1.95 -1.69 -3.48
C ILE B 303 -2.85 -2.26 -4.58
N GLY B 304 -3.24 -1.39 -5.51
CA GLY B 304 -3.90 -1.81 -6.74
C GLY B 304 -2.96 -1.70 -7.94
N SER B 305 -3.34 -2.32 -9.06
CA SER B 305 -2.52 -2.28 -10.26
C SER B 305 -3.40 -2.57 -11.48
N SER B 306 -3.11 -1.87 -12.60
CA SER B 306 -3.77 -2.18 -13.87
C SER B 306 -2.74 -2.33 -14.99
N THR B 307 -2.94 -3.41 -15.76
CA THR B 307 -2.05 -3.89 -16.82
C THR B 307 -0.60 -3.60 -16.46
N GLY B 308 0.14 -2.99 -17.40
CA GLY B 308 1.55 -2.73 -17.23
C GLY B 308 2.08 -1.75 -18.27
N GLY B 309 3.29 -1.25 -18.04
CA GLY B 309 3.97 -0.41 -19.02
C GLY B 309 4.44 -1.25 -20.21
N LEU B 310 4.88 -0.57 -21.28
CA LEU B 310 5.28 -1.24 -22.50
C LEU B 310 6.48 -2.15 -22.22
N LYS B 311 7.42 -1.66 -21.41
CA LYS B 311 8.62 -2.41 -21.06
C LYS B 311 8.23 -3.69 -20.33
N GLU B 312 7.23 -3.58 -19.42
CA GLU B 312 6.80 -4.70 -18.61
C GLU B 312 6.12 -5.75 -19.48
N TYR B 313 5.33 -5.33 -20.47
CA TYR B 313 4.73 -6.24 -21.41
C TYR B 313 5.81 -7.08 -22.08
N GLN B 314 6.88 -6.41 -22.56
CA GLN B 314 7.89 -7.11 -23.34
C GLN B 314 8.71 -8.03 -22.45
N GLU B 315 9.07 -7.53 -21.26
CA GLU B 315 9.83 -8.33 -20.31
C GLU B 315 9.03 -9.56 -19.90
N MET B 316 7.73 -9.38 -19.69
CA MET B 316 6.85 -10.46 -19.28
C MET B 316 6.85 -11.56 -20.35
N LEU B 317 6.69 -11.18 -21.63
CA LEU B 317 6.70 -12.15 -22.72
C LEU B 317 8.04 -12.88 -22.81
N ASP B 318 9.14 -12.13 -22.69
CA ASP B 318 10.48 -12.70 -22.80
C ASP B 318 10.71 -13.70 -21.65
N PHE B 319 10.20 -13.35 -20.46
CA PHE B 319 10.29 -14.21 -19.29
C PHE B 319 9.47 -15.49 -19.49
N ALA B 320 8.22 -15.35 -19.93
CA ALA B 320 7.36 -16.50 -20.19
C ALA B 320 8.03 -17.43 -21.20
N ALA B 321 8.64 -16.86 -22.23
CA ALA B 321 9.28 -17.64 -23.27
C ALA B 321 10.45 -18.43 -22.68
N LYS B 322 11.24 -17.78 -21.82
CA LYS B 322 12.42 -18.39 -21.23
C LYS B 322 12.04 -19.63 -20.41
N HIS B 323 10.89 -19.57 -19.71
CA HIS B 323 10.48 -20.63 -18.80
C HIS B 323 9.36 -21.49 -19.38
N ASN B 324 9.05 -21.28 -20.67
CA ASN B 324 8.04 -22.06 -21.36
C ASN B 324 6.70 -21.97 -20.64
N ILE B 325 6.31 -20.76 -20.24
CA ILE B 325 5.03 -20.55 -19.58
C ILE B 325 4.00 -20.05 -20.60
N VAL B 326 2.83 -20.68 -20.59
CA VAL B 326 1.68 -20.26 -21.37
C VAL B 326 0.45 -20.23 -20.47
N CYS B 327 -0.66 -19.68 -20.97
CA CYS B 327 -1.94 -19.78 -20.28
C CYS B 327 -2.71 -20.96 -20.87
N ASP B 328 -3.37 -21.72 -19.98
CA ASP B 328 -4.30 -22.74 -20.42
C ASP B 328 -5.40 -22.05 -21.24
N THR B 329 -5.54 -22.49 -22.49
CA THR B 329 -6.31 -21.78 -23.49
C THR B 329 -7.16 -22.77 -24.29
N GLU B 330 -8.39 -22.37 -24.61
CA GLU B 330 -9.24 -23.10 -25.54
C GLU B 330 -9.38 -22.25 -26.81
N VAL B 331 -8.90 -22.79 -27.94
CA VAL B 331 -8.93 -22.07 -29.20
C VAL B 331 -10.29 -22.29 -29.86
N ILE B 332 -10.94 -21.21 -30.28
CA ILE B 332 -12.27 -21.28 -30.84
C ILE B 332 -12.33 -20.49 -32.14
N GLY B 333 -13.33 -20.81 -32.96
CA GLY B 333 -13.70 -19.99 -34.10
C GLY B 333 -14.61 -18.84 -33.68
N ILE B 334 -14.67 -17.81 -34.53
CA ILE B 334 -15.44 -16.60 -34.26
C ILE B 334 -16.92 -16.94 -34.08
N ASP B 335 -17.43 -17.97 -34.77
CA ASP B 335 -18.85 -18.31 -34.73
C ASP B 335 -19.27 -18.83 -33.35
N TYR B 336 -18.30 -19.23 -32.52
CA TYR B 336 -18.59 -19.73 -31.18
C TYR B 336 -18.57 -18.60 -30.15
N LEU B 337 -18.36 -17.35 -30.58
CA LEU B 337 -18.12 -16.24 -29.66
C LEU B 337 -19.26 -16.09 -28.65
N SER B 338 -20.51 -16.20 -29.12
CA SER B 338 -21.65 -16.02 -28.26
C SER B 338 -21.64 -17.05 -27.14
N THR B 339 -21.34 -18.31 -27.47
CA THR B 339 -21.29 -19.37 -26.48
C THR B 339 -20.10 -19.17 -25.55
N ALA B 340 -18.98 -18.70 -26.10
CA ALA B 340 -17.77 -18.47 -25.31
C ALA B 340 -18.07 -17.46 -24.20
N MET B 341 -18.80 -16.38 -24.53
CA MET B 341 -19.13 -15.36 -23.56
C MET B 341 -19.90 -15.97 -22.39
N GLU B 342 -20.83 -16.89 -22.71
CA GLU B 342 -21.65 -17.56 -21.71
C GLU B 342 -20.77 -18.42 -20.81
N ARG B 343 -19.82 -19.14 -21.40
CA ARG B 343 -18.92 -19.98 -20.64
C ARG B 343 -17.97 -19.14 -19.78
N ILE B 344 -17.56 -17.97 -20.28
CA ILE B 344 -16.73 -17.08 -19.50
C ILE B 344 -17.48 -16.67 -18.22
N LYS B 345 -18.76 -16.31 -18.37
CA LYS B 345 -19.59 -15.87 -17.26
C LYS B 345 -19.80 -17.02 -16.27
N ASN B 346 -19.94 -18.25 -16.78
CA ASN B 346 -20.21 -19.42 -15.95
C ASN B 346 -18.93 -20.05 -15.40
N LEU B 347 -17.77 -19.43 -15.65
CA LEU B 347 -16.48 -19.94 -15.22
C LEU B 347 -16.29 -21.38 -15.73
N ASP B 348 -16.65 -21.61 -17.00
CA ASP B 348 -16.66 -22.94 -17.57
C ASP B 348 -15.66 -23.02 -18.73
N VAL B 349 -14.46 -22.50 -18.50
CA VAL B 349 -13.37 -22.62 -19.46
C VAL B 349 -12.08 -22.69 -18.65
N LYS B 350 -11.10 -23.44 -19.15
CA LYS B 350 -9.83 -23.62 -18.47
C LYS B 350 -8.69 -23.06 -19.31
N TYR B 351 -8.30 -21.79 -19.10
CA TYR B 351 -9.00 -20.80 -18.29
C TYR B 351 -9.45 -19.63 -19.18
N ARG B 352 -8.99 -19.62 -20.43
CA ARG B 352 -9.22 -18.51 -21.35
C ARG B 352 -9.53 -19.06 -22.75
N PHE B 353 -10.32 -18.29 -23.50
CA PHE B 353 -10.55 -18.55 -24.91
C PHE B 353 -9.62 -17.69 -25.75
N ALA B 354 -9.05 -18.29 -26.81
CA ALA B 354 -8.38 -17.56 -27.86
C ALA B 354 -9.14 -17.78 -29.17
N ILE B 355 -9.44 -16.68 -29.87
CA ILE B 355 -10.14 -16.78 -31.13
C ILE B 355 -9.13 -16.88 -32.26
N ASP B 356 -9.30 -17.90 -33.11
CA ASP B 356 -8.50 -18.02 -34.32
C ASP B 356 -9.07 -17.10 -35.37
N ILE B 357 -8.65 -15.82 -35.30
CA ILE B 357 -9.07 -14.77 -36.20
C ILE B 357 -8.56 -15.06 -37.61
N GLY B 358 -7.27 -15.41 -37.71
CA GLY B 358 -6.60 -15.58 -38.98
C GLY B 358 -7.33 -16.55 -39.91
N ASN B 359 -7.99 -17.57 -39.35
CA ASN B 359 -8.61 -18.62 -40.14
C ASN B 359 -10.14 -18.50 -40.21
N THR B 360 -10.79 -17.74 -39.32
CA THR B 360 -12.24 -17.85 -39.24
C THR B 360 -12.98 -16.53 -39.42
N LEU B 361 -12.32 -15.39 -39.25
CA LEU B 361 -13.01 -14.11 -39.41
C LEU B 361 -12.94 -13.68 -40.87
N LYS B 362 -14.13 -13.55 -41.48
CA LYS B 362 -14.23 -13.26 -42.91
C LYS B 362 -15.22 -12.12 -43.14
N PHE B 363 -15.06 -11.45 -44.28
CA PHE B 363 -15.92 -10.34 -44.70
C PHE B 363 -17.29 -10.84 -45.18
N GLU B 364 -18.23 -9.90 -45.28
CA GLU B 364 -19.57 -10.09 -45.82
C GLU B 364 -19.96 -11.58 -45.84
PA NAP C . -5.49 13.81 19.72
O1A NAP C . -6.38 13.07 20.65
O2A NAP C . -4.83 15.05 20.20
O5B NAP C . -6.30 14.12 18.38
C5B NAP C . -5.58 14.74 17.31
C4B NAP C . -6.56 15.42 16.41
O4B NAP C . -7.38 14.43 15.74
C3B NAP C . -7.61 16.34 17.08
O3B NAP C . -7.07 17.62 17.38
C2B NAP C . -8.63 16.41 15.94
O2B NAP C . -8.08 17.26 14.95
C1B NAP C . -8.63 14.98 15.43
N9A NAP C . -9.66 14.14 16.03
C8A NAP C . -9.70 13.67 17.32
N7A NAP C . -10.77 12.95 17.57
C5A NAP C . -11.47 12.96 16.37
C6A NAP C . -12.67 12.35 15.97
N6A NAP C . -13.42 11.62 16.79
N1A NAP C . -13.08 12.54 14.70
C2A NAP C . -12.33 13.30 13.89
N3A NAP C . -11.17 13.90 14.14
C4A NAP C . -10.79 13.69 15.41
O3 NAP C . -4.38 12.82 19.10
PN NAP C . -2.81 12.83 18.78
O1N NAP C . -2.49 13.87 17.76
O2N NAP C . -2.04 12.80 20.06
O5D NAP C . -2.66 11.38 18.10
C5D NAP C . -3.35 11.12 16.86
C4D NAP C . -3.75 9.67 16.77
O4D NAP C . -2.58 8.83 16.67
C3D NAP C . -4.55 9.12 17.96
O3D NAP C . -5.59 8.28 17.51
C2D NAP C . -3.48 8.39 18.78
O2D NAP C . -3.98 7.40 19.66
C1D NAP C . -2.69 7.78 17.62
N1N NAP C . -1.32 7.28 17.92
C2N NAP C . -0.76 6.41 17.02
C3N NAP C . 0.51 5.89 17.24
C7N NAP C . 1.10 4.96 16.23
O7N NAP C . 2.21 4.46 16.44
N7N NAP C . 0.43 4.72 15.11
C4N NAP C . 1.22 6.28 18.38
C5N NAP C . 0.64 7.17 19.27
C6N NAP C . -0.62 7.67 19.04
P2B NAP C . -8.99 18.49 14.47
O1X NAP C . -8.11 19.18 13.47
O2X NAP C . -9.29 19.38 15.69
O3X NAP C . -10.24 17.92 13.86
ZN ZN D . 2.30 9.50 23.22
ZN ZN E . 12.82 -9.45 17.50
PA NAP F . -12.21 -15.15 -14.23
O1A NAP F . -13.54 -14.53 -14.52
O2A NAP F . -11.75 -16.29 -15.07
O5B NAP F . -12.17 -15.58 -12.69
C5B NAP F . -10.92 -15.98 -12.09
C4B NAP F . -11.15 -16.84 -10.86
O4B NAP F . -11.64 -16.01 -9.77
C3B NAP F . -12.19 -17.96 -10.95
O3B NAP F . -11.67 -19.12 -11.58
C2B NAP F . -12.44 -18.22 -9.46
O2B NAP F . -11.34 -18.93 -8.92
C1B NAP F . -12.44 -16.80 -8.90
N9A NAP F . -13.77 -16.20 -8.82
C8A NAP F . -14.53 -15.77 -9.86
N7A NAP F . -15.68 -15.26 -9.50
C5A NAP F . -15.67 -15.33 -8.13
C6A NAP F . -16.61 -14.93 -7.15
N6A NAP F . -17.78 -14.37 -7.45
N1A NAP F . -16.30 -15.18 -5.85
C2A NAP F . -15.13 -15.75 -5.57
N3A NAP F . -14.16 -16.16 -6.40
C4A NAP F . -14.50 -15.92 -7.68
O3 NAP F . -11.11 -13.99 -14.31
PN NAP F . -9.60 -13.77 -14.79
O1N NAP F . -8.65 -14.70 -14.12
O2N NAP F . -9.52 -13.66 -16.28
O5D NAP F . -9.40 -12.31 -14.15
C5D NAP F . -9.58 -12.13 -12.73
C4D NAP F . -10.03 -10.71 -12.46
O4D NAP F . -9.05 -9.79 -12.99
C3D NAP F . -11.38 -10.31 -13.10
O3D NAP F . -12.18 -9.56 -12.21
C2D NAP F . -10.96 -9.42 -14.28
O2D NAP F . -11.97 -8.50 -14.62
C1D NAP F . -9.75 -8.73 -13.66
N1N NAP F . -8.80 -8.06 -14.55
C2N NAP F . -8.02 -7.04 -14.05
C3N NAP F . -7.10 -6.39 -14.85
C7N NAP F . -6.23 -5.30 -14.27
O7N NAP F . -5.48 -4.67 -15.03
N7N NAP F . -6.28 -5.07 -12.98
C4N NAP F . -6.98 -6.75 -16.19
C5N NAP F . -7.77 -7.77 -16.69
C6N NAP F . -8.67 -8.42 -15.88
P2B NAP F . -11.65 -20.28 -8.11
O1X NAP F . -10.27 -20.77 -7.76
O2X NAP F . -12.36 -21.23 -9.03
O3X NAP F . -12.46 -19.97 -6.87
ZN ZN G . -8.11 -9.75 -21.10
ZN ZN H . 1.39 10.58 -21.01
#